data_8IIB
#
_entry.id   8IIB
#
_cell.length_a   150.510
_cell.length_b   150.510
_cell.length_c   104.626
_cell.angle_alpha   90.000
_cell.angle_beta   90.000
_cell.angle_gamma   120.000
#
_symmetry.space_group_name_H-M   'P 31 2 1'
#
loop_
_entity.id
_entity.type
_entity.pdbx_description
1 polymer 'Polymerase polyprotein'
2 non-polymer 'CADMIUM ION'
3 non-polymer 'MAGNESIUM ION'
4 non-polymer 'CHLORIDE ION'
5 water water
#
_entity_poly.entity_id   1
_entity_poly.type   'polypeptide(L)'
_entity_poly.pdbx_seq_one_letter_code
;MRGSHHHHHHGSGSVNMKHKNLMKCAMDTPYIDKDMIDEAYQLTKSVWLKGMRDELKKVLTYEEAICGSEVSEYISSINR
SSSPGYPWIKDRTKGTKGKQGWFGSEGEYILNEDVRLAVQQRIQAAREGKRLPVMWVDTLKDERRPIEKVNQLKTRVFSN
GPMDFSIAFRMYYLGFIAHLMENRITNEVSIGTNVYSQDWSKTVRKLTKFGNKVIAGDFSTFDGSLNVCIMEKFADLANE
FYDDGKENNLIRHVLLMDVYNSVHICNDSVYMMTHSQPSGNPATTPLNCFINSMGLRMCFAICAKNAGIKMTMKDFGKHV
SMVSYGDDNVINFSDEVCEWYNMETIAKAFETLGFTYTDELKGVNGEVPKWRSIKDVQYLKRKFRYDEQRKVWEAPLCMD
TILEMPNWCRGGLDIQEGTKLNCENAIMELSMHEESVFDTWSKIIDRAYANATGDHLDINTYRGYAQERFLEYYM
;
_entity_poly.pdbx_strand_id   A,B
#
loop_
_chem_comp.id
_chem_comp.type
_chem_comp.name
_chem_comp.formula
CD non-polymer 'CADMIUM ION' 'Cd 2'
CL non-polymer 'CHLORIDE ION' 'Cl -1'
MG non-polymer 'MAGNESIUM ION' 'Mg 2'
#
# COMPACT_ATOMS: atom_id res chain seq x y z
N LYS A 34 34.20 -10.61 -18.34
CA LYS A 34 35.17 -10.29 -19.39
C LYS A 34 35.20 -8.79 -19.71
N ASP A 35 35.76 -8.46 -20.87
CA ASP A 35 35.72 -7.11 -21.42
C ASP A 35 34.52 -6.90 -22.33
N MET A 36 33.43 -7.64 -22.08
CA MET A 36 32.21 -7.46 -22.88
C MET A 36 31.39 -6.28 -22.37
N ILE A 37 31.54 -5.93 -21.07
CA ILE A 37 30.95 -4.69 -20.57
C ILE A 37 31.36 -3.53 -21.46
N ASP A 38 32.57 -3.59 -22.01
CA ASP A 38 33.06 -2.52 -22.86
C ASP A 38 32.32 -2.47 -24.18
N GLU A 39 31.99 -3.63 -24.76
CA GLU A 39 31.33 -3.61 -26.05
C GLU A 39 29.83 -3.39 -25.92
N ALA A 40 29.24 -3.95 -24.86
CA ALA A 40 27.89 -3.58 -24.47
C ALA A 40 27.77 -2.06 -24.39
N TYR A 41 28.69 -1.43 -23.65
CA TYR A 41 28.63 0.01 -23.47
C TYR A 41 28.75 0.76 -24.79
N GLN A 42 29.55 0.25 -25.71
CA GLN A 42 29.74 0.98 -26.96
C GLN A 42 28.53 0.83 -27.87
N LEU A 43 27.99 -0.39 -27.96
CA LEU A 43 26.75 -0.57 -28.73
C LEU A 43 25.64 0.31 -28.15
N THR A 44 25.39 0.21 -26.85
CA THR A 44 24.37 1.04 -26.22
C THR A 44 24.56 2.52 -26.54
N LYS A 45 25.81 3.02 -26.44
CA LYS A 45 26.03 4.46 -26.64
C LYS A 45 25.56 4.89 -28.03
N SER A 46 25.89 4.08 -29.05
CA SER A 46 25.46 4.41 -30.41
C SER A 46 23.96 4.62 -30.46
N VAL A 47 23.20 3.74 -29.80
CA VAL A 47 21.74 3.80 -29.79
C VAL A 47 21.26 4.99 -28.95
N TRP A 48 21.67 5.04 -27.67
CA TRP A 48 21.11 6.04 -26.76
C TRP A 48 21.47 7.46 -27.15
N LEU A 49 22.54 7.65 -27.92
CA LEU A 49 22.95 9.02 -28.24
C LEU A 49 22.34 9.55 -29.52
N LYS A 50 21.66 8.71 -30.30
CA LYS A 50 21.00 9.19 -31.51
C LYS A 50 20.05 10.33 -31.18
N GLY A 51 20.07 11.36 -32.03
CA GLY A 51 19.17 12.48 -31.92
C GLY A 51 19.62 13.61 -31.01
N MET A 52 20.86 13.57 -30.50
CA MET A 52 21.38 14.61 -29.62
C MET A 52 21.08 16.03 -30.11
N ARG A 53 20.75 16.89 -29.17
CA ARG A 53 20.47 18.30 -29.43
C ARG A 53 21.43 19.10 -28.57
N ASP A 54 22.06 20.12 -29.16
CA ASP A 54 23.03 20.86 -28.37
C ASP A 54 22.34 21.61 -27.24
N GLU A 55 21.11 22.06 -27.48
CA GLU A 55 20.43 22.87 -26.47
C GLU A 55 20.16 22.11 -25.17
N LEU A 56 20.33 20.79 -25.15
CA LEU A 56 20.06 19.99 -23.96
C LEU A 56 21.30 19.60 -23.16
N LYS A 57 22.51 19.89 -23.65
CA LYS A 57 23.70 19.46 -22.91
C LYS A 57 24.15 20.48 -21.88
N LYS A 58 23.24 21.02 -21.09
CA LYS A 58 23.58 21.92 -20.00
C LYS A 58 23.08 21.36 -18.68
N VAL A 59 23.92 21.45 -17.64
CA VAL A 59 23.43 21.34 -16.28
C VAL A 59 22.40 22.44 -16.02
N LEU A 60 21.35 22.10 -15.29
CA LEU A 60 20.26 23.03 -15.06
C LEU A 60 20.54 23.89 -13.83
N THR A 61 19.95 25.08 -13.81
CA THR A 61 20.00 25.85 -12.58
C THR A 61 19.12 25.20 -11.52
N TYR A 62 19.40 25.52 -10.27
CA TYR A 62 18.48 25.18 -9.18
C TYR A 62 17.04 25.56 -9.53
N GLU A 63 16.81 26.75 -10.11
CA GLU A 63 15.45 27.11 -10.48
C GLU A 63 14.91 26.24 -11.63
N GLU A 64 15.74 25.99 -12.66
CA GLU A 64 15.29 25.09 -13.72
C GLU A 64 14.96 23.70 -13.15
N ALA A 65 15.74 23.23 -12.18
CA ALA A 65 15.57 21.87 -11.69
C ALA A 65 14.22 21.70 -11.01
N ILE A 66 13.68 22.79 -10.46
CA ILE A 66 12.51 22.73 -9.60
C ILE A 66 11.26 23.17 -10.36
N CYS A 67 11.41 24.13 -11.25
CA CYS A 67 10.30 24.66 -12.05
C CYS A 67 10.41 24.35 -13.54
N GLY A 68 11.35 23.52 -13.96
CA GLY A 68 11.47 23.19 -15.36
C GLY A 68 12.11 24.30 -16.18
N SER A 69 12.21 24.04 -17.48
CA SER A 69 12.80 24.95 -18.44
C SER A 69 11.99 24.84 -19.72
N GLU A 70 12.05 25.90 -20.52
CA GLU A 70 11.35 25.93 -21.79
C GLU A 70 12.16 25.30 -22.92
N VAL A 71 13.30 24.64 -22.61
CA VAL A 71 14.10 24.00 -23.66
C VAL A 71 13.43 22.72 -24.11
N SER A 72 12.73 22.03 -23.20
CA SER A 72 12.12 20.74 -23.45
C SER A 72 10.73 20.70 -22.80
N GLU A 73 9.81 19.99 -23.46
CA GLU A 73 8.58 19.58 -22.79
C GLU A 73 8.86 18.60 -21.66
N TYR A 74 10.05 18.02 -21.62
CA TYR A 74 10.39 16.99 -20.66
C TYR A 74 11.26 17.50 -19.52
N ILE A 75 11.46 18.81 -19.43
CA ILE A 75 12.04 19.45 -18.26
C ILE A 75 10.95 20.33 -17.67
N SER A 76 10.26 19.82 -16.64
CA SER A 76 9.05 20.46 -16.12
C SER A 76 9.18 20.59 -14.61
N SER A 77 8.12 21.09 -13.97
CA SER A 77 8.21 21.70 -12.66
C SER A 77 7.85 20.73 -11.54
N ILE A 78 8.81 19.87 -11.20
CA ILE A 78 8.82 19.29 -9.84
C ILE A 78 10.26 18.90 -9.49
N LEU A 111 13.68 25.38 3.67
CA LEU A 111 12.66 26.09 2.91
C LEU A 111 13.20 26.53 1.55
N ASN A 112 12.47 27.43 0.89
CA ASN A 112 12.81 27.88 -0.47
C ASN A 112 14.30 28.15 -0.64
N GLU A 113 14.97 28.63 0.43
CA GLU A 113 16.40 28.92 0.39
C GLU A 113 17.21 28.18 1.45
N ASP A 114 16.58 27.45 2.36
CA ASP A 114 17.38 26.59 3.22
C ASP A 114 17.77 25.28 2.53
N VAL A 115 17.03 24.87 1.49
CA VAL A 115 17.38 23.62 0.82
C VAL A 115 18.32 23.91 -0.35
N ARG A 116 18.21 25.09 -0.97
CA ARG A 116 19.22 25.50 -1.94
C ARG A 116 20.60 25.53 -1.31
N LEU A 117 20.67 25.94 -0.05
CA LEU A 117 21.91 25.86 0.70
C LEU A 117 22.35 24.41 0.92
N ALA A 118 21.42 23.45 0.88
CA ALA A 118 21.82 22.06 1.04
C ALA A 118 22.23 21.44 -0.29
N VAL A 119 21.55 21.83 -1.38
CA VAL A 119 22.01 21.45 -2.71
C VAL A 119 23.44 21.94 -2.92
N GLN A 120 23.69 23.21 -2.58
CA GLN A 120 25.03 23.78 -2.66
C GLN A 120 26.04 22.90 -1.92
N GLN A 121 25.75 22.56 -0.67
CA GLN A 121 26.67 21.69 0.08
C GLN A 121 26.88 20.37 -0.64
N ARG A 122 25.83 19.83 -1.25
CA ARG A 122 25.98 18.53 -1.91
C ARG A 122 26.84 18.67 -3.16
N ILE A 123 26.59 19.69 -3.98
CA ILE A 123 27.33 19.84 -5.23
C ILE A 123 28.81 20.09 -4.95
N GLN A 124 29.12 20.99 -4.01
CA GLN A 124 30.53 21.26 -3.72
C GLN A 124 31.22 20.03 -3.14
N ALA A 125 30.53 19.29 -2.27
CA ALA A 125 31.18 18.11 -1.71
C ALA A 125 31.42 17.05 -2.78
N ALA A 126 30.57 17.01 -3.81
CA ALA A 126 30.79 16.10 -4.92
C ALA A 126 31.98 16.53 -5.77
N ARG A 127 32.11 17.84 -6.00
CA ARG A 127 33.22 18.40 -6.77
C ARG A 127 34.59 17.99 -6.22
N GLU A 128 34.69 17.79 -4.92
CA GLU A 128 35.92 17.32 -4.31
C GLU A 128 35.92 15.81 -4.09
N GLY A 129 34.95 15.10 -4.64
CA GLY A 129 34.90 13.65 -4.62
C GLY A 129 34.14 13.01 -3.46
N LYS A 130 33.57 13.79 -2.54
CA LYS A 130 32.90 13.24 -1.37
C LYS A 130 31.39 13.25 -1.52
N ARG A 131 30.75 12.17 -1.06
CA ARG A 131 29.31 12.06 -1.17
C ARG A 131 28.67 12.18 0.21
N LEU A 132 27.44 12.67 0.23
CA LEU A 132 26.75 12.85 1.51
C LEU A 132 25.63 11.83 1.67
N PRO A 133 24.65 12.09 2.54
CA PRO A 133 23.73 11.00 2.86
C PRO A 133 22.28 11.34 2.48
N PRO A 162 17.68 14.23 1.18
CA PRO A 162 16.85 13.45 0.25
C PRO A 162 16.15 14.32 -0.80
N MET A 163 15.61 15.48 -0.41
CA MET A 163 15.11 16.40 -1.43
C MET A 163 16.27 17.10 -2.11
N ASP A 164 17.29 17.47 -1.34
CA ASP A 164 18.48 18.10 -1.89
C ASP A 164 19.20 17.15 -2.84
N PHE A 165 19.21 15.85 -2.56
CA PHE A 165 19.78 14.90 -3.51
C PHE A 165 18.99 14.87 -4.81
N SER A 166 17.66 14.85 -4.72
CA SER A 166 16.83 14.77 -5.91
C SER A 166 17.01 16.00 -6.80
N ILE A 167 17.12 17.20 -6.21
CA ILE A 167 17.29 18.39 -7.05
C ILE A 167 18.66 18.38 -7.72
N ALA A 168 19.71 18.09 -6.94
CA ALA A 168 21.04 17.93 -7.50
C ALA A 168 21.04 16.94 -8.64
N PHE A 169 20.50 15.73 -8.41
CA PHE A 169 20.53 14.72 -9.46
C PHE A 169 19.85 15.24 -10.70
N ARG A 170 18.71 15.90 -10.54
CA ARG A 170 18.01 16.43 -11.69
C ARG A 170 18.85 17.48 -12.41
N MET A 171 19.55 18.31 -11.64
CA MET A 171 20.37 19.34 -12.27
C MET A 171 21.39 18.73 -13.21
N TYR A 172 22.11 17.71 -12.74
CA TYR A 172 23.20 17.16 -13.51
C TYR A 172 22.76 16.12 -14.53
N TYR A 173 21.51 15.64 -14.46
CA TYR A 173 21.09 14.55 -15.34
C TYR A 173 19.84 14.80 -16.16
N LEU A 174 19.05 15.84 -15.87
CA LEU A 174 17.72 15.89 -16.47
C LEU A 174 17.77 16.22 -17.94
N GLY A 175 18.78 16.99 -18.38
CA GLY A 175 18.89 17.26 -19.81
C GLY A 175 19.13 15.99 -20.59
N PHE A 176 19.96 15.10 -20.04
CA PHE A 176 20.19 13.79 -20.66
C PHE A 176 18.90 12.99 -20.73
N ILE A 177 18.22 12.87 -19.57
CA ILE A 177 16.95 12.16 -19.52
C ILE A 177 15.96 12.78 -20.51
N ALA A 178 15.92 14.11 -20.57
CA ALA A 178 15.04 14.76 -21.56
C ALA A 178 15.43 14.38 -22.98
N HIS A 179 16.73 14.14 -23.24
CA HIS A 179 17.16 13.69 -24.55
C HIS A 179 16.63 12.30 -24.85
N LEU A 180 16.75 11.37 -23.89
CA LEU A 180 16.20 10.03 -24.09
C LEU A 180 14.70 10.08 -24.35
N MET A 181 13.99 10.97 -23.67
CA MET A 181 12.54 11.03 -23.85
C MET A 181 12.17 11.60 -25.23
N GLU A 182 12.95 12.55 -25.74
CA GLU A 182 12.65 13.10 -27.05
C GLU A 182 12.97 12.15 -28.19
N ASN A 183 13.84 11.15 -27.96
CA ASN A 183 14.20 10.17 -28.97
C ASN A 183 13.71 8.79 -28.58
N ARG A 184 12.67 8.75 -27.75
CA ARG A 184 12.15 7.55 -27.10
C ARG A 184 11.78 6.46 -28.12
N ILE A 185 11.83 5.22 -27.64
CA ILE A 185 11.29 4.02 -28.28
C ILE A 185 12.28 3.47 -29.30
N THR A 186 12.61 4.26 -30.33
CA THR A 186 13.66 3.82 -31.25
C THR A 186 15.03 3.81 -30.58
N ASN A 187 15.22 4.56 -29.50
CA ASN A 187 16.45 4.49 -28.70
C ASN A 187 16.36 3.48 -27.56
N GLU A 188 15.35 2.60 -27.58
CA GLU A 188 15.11 1.54 -26.60
C GLU A 188 14.58 2.03 -25.25
N VAL A 189 14.37 3.33 -25.07
CA VAL A 189 13.91 3.89 -23.81
C VAL A 189 12.44 4.27 -23.96
N SER A 190 11.59 3.74 -23.08
CA SER A 190 10.16 4.07 -23.12
C SER A 190 9.77 5.22 -22.21
N ILE A 191 10.69 5.77 -21.42
CA ILE A 191 10.35 6.91 -20.60
C ILE A 191 9.80 8.02 -21.50
N GLY A 192 8.64 8.55 -21.12
CA GLY A 192 7.96 9.56 -21.91
C GLY A 192 6.93 9.08 -22.90
N THR A 193 6.74 7.76 -23.06
CA THR A 193 5.69 7.22 -23.93
C THR A 193 4.31 7.79 -23.61
N ASN A 194 3.60 8.25 -24.64
CA ASN A 194 2.19 8.61 -24.50
C ASN A 194 1.36 7.46 -25.08
N VAL A 195 0.78 6.66 -24.18
CA VAL A 195 0.06 5.45 -24.60
C VAL A 195 -1.24 5.74 -25.35
N TYR A 196 -1.80 6.93 -25.20
CA TYR A 196 -2.98 7.31 -25.98
C TYR A 196 -2.64 7.75 -27.39
N SER A 197 -1.35 7.90 -27.72
CA SER A 197 -0.90 8.48 -28.98
C SER A 197 -0.34 7.38 -29.87
N GLN A 198 0.21 7.79 -31.03
CA GLN A 198 0.88 6.87 -31.94
C GLN A 198 2.14 6.23 -31.37
N ASP A 199 2.67 6.73 -30.23
CA ASP A 199 3.78 6.04 -29.57
C ASP A 199 3.51 4.57 -29.37
N TRP A 200 2.25 4.19 -29.13
CA TRP A 200 1.98 2.79 -28.83
C TRP A 200 2.18 1.94 -30.07
N SER A 201 1.69 2.40 -31.22
CA SER A 201 1.94 1.63 -32.44
C SER A 201 3.39 1.71 -32.84
N LYS A 202 4.05 2.85 -32.58
CA LYS A 202 5.50 2.91 -32.75
C LYS A 202 6.19 1.86 -31.90
N THR A 203 5.77 1.70 -30.65
CA THR A 203 6.38 0.65 -29.81
C THR A 203 6.13 -0.71 -30.42
N VAL A 204 4.94 -0.92 -31.01
CA VAL A 204 4.61 -2.21 -31.64
C VAL A 204 5.44 -2.40 -32.90
N ARG A 205 5.58 -1.35 -33.72
CA ARG A 205 6.38 -1.48 -34.93
C ARG A 205 7.82 -1.87 -34.58
N LYS A 206 8.33 -1.36 -33.46
CA LYS A 206 9.68 -1.68 -33.03
C LYS A 206 9.82 -3.09 -32.43
N LEU A 207 8.78 -3.62 -31.80
CA LEU A 207 8.86 -4.96 -31.21
C LEU A 207 8.37 -6.05 -32.15
N THR A 208 8.09 -5.73 -33.42
CA THR A 208 7.78 -6.72 -34.45
C THR A 208 8.77 -6.61 -35.60
N LYS A 209 9.85 -5.87 -35.38
CA LYS A 209 10.88 -5.59 -36.38
C LYS A 209 11.57 -6.86 -36.89
N PHE A 210 11.83 -7.84 -36.03
CA PHE A 210 12.48 -9.09 -36.40
C PHE A 210 11.57 -10.28 -36.18
N GLY A 211 10.32 -10.18 -36.60
CA GLY A 211 9.41 -11.31 -36.56
C GLY A 211 8.43 -11.32 -35.43
N ASN A 212 7.97 -12.51 -35.05
CA ASN A 212 6.81 -12.71 -34.19
C ASN A 212 7.17 -13.13 -32.77
N LYS A 213 8.41 -13.48 -32.50
CA LYS A 213 8.75 -13.91 -31.16
C LYS A 213 9.10 -12.67 -30.32
N VAL A 214 8.64 -12.70 -29.06
CA VAL A 214 8.61 -11.56 -28.17
C VAL A 214 8.53 -12.08 -26.75
N ILE A 215 9.26 -11.46 -25.83
CA ILE A 215 9.19 -11.79 -24.40
C ILE A 215 9.08 -10.52 -23.58
N ALA A 216 8.83 -10.69 -22.27
CA ALA A 216 8.73 -9.56 -21.38
C ALA A 216 8.84 -10.02 -19.94
N GLY A 217 9.26 -9.10 -19.07
CA GLY A 217 9.58 -9.42 -17.69
C GLY A 217 10.33 -8.27 -17.05
N ASP A 218 10.71 -8.49 -15.79
CA ASP A 218 11.39 -7.45 -15.01
C ASP A 218 12.56 -8.05 -14.22
N PHE A 219 13.62 -7.24 -14.04
CA PHE A 219 14.77 -7.68 -13.27
C PHE A 219 14.75 -7.15 -11.85
N SER A 220 15.56 -7.78 -11.00
CA SER A 220 15.71 -7.46 -9.58
C SER A 220 17.10 -7.89 -9.15
N THR A 221 17.64 -7.22 -8.14
CA THR A 221 19.03 -7.47 -7.72
C THR A 221 19.08 -8.61 -6.73
N LEU A 226 24.05 -5.65 -5.85
CA LEU A 226 24.14 -4.55 -6.82
C LEU A 226 25.33 -4.75 -7.77
N ASN A 227 25.18 -4.26 -8.99
CA ASN A 227 26.18 -4.41 -10.04
C ASN A 227 26.73 -3.02 -10.35
N VAL A 228 27.73 -2.60 -9.55
CA VAL A 228 28.31 -1.27 -9.73
C VAL A 228 29.07 -1.13 -11.05
N CYS A 229 29.36 -2.23 -11.75
CA CYS A 229 30.06 -2.06 -13.03
C CYS A 229 29.16 -1.56 -14.14
N ILE A 230 27.90 -2.00 -14.19
CA ILE A 230 27.00 -1.40 -15.17
C ILE A 230 26.59 0.00 -14.72
N MET A 231 26.35 0.19 -13.42
CA MET A 231 25.94 1.50 -12.94
C MET A 231 27.00 2.55 -13.26
N GLU A 232 28.26 2.26 -12.91
CA GLU A 232 29.39 3.09 -13.33
C GLU A 232 29.22 3.59 -14.76
N LYS A 233 28.97 2.68 -15.69
CA LYS A 233 28.94 3.09 -17.08
C LYS A 233 27.76 4.00 -17.40
N PHE A 234 26.73 4.05 -16.53
CA PHE A 234 25.65 5.02 -16.73
C PHE A 234 26.16 6.45 -16.56
N ALA A 235 26.88 6.70 -15.45
CA ALA A 235 27.60 7.97 -15.30
C ALA A 235 28.46 8.28 -16.52
N ASP A 236 29.22 7.30 -16.99
CA ASP A 236 30.04 7.51 -18.18
C ASP A 236 29.23 8.03 -19.35
N LEU A 237 28.11 7.37 -19.66
CA LEU A 237 27.37 7.72 -20.87
C LEU A 237 26.72 9.09 -20.74
N ALA A 238 26.22 9.42 -19.54
CA ALA A 238 25.81 10.79 -19.29
C ALA A 238 26.96 11.74 -19.60
N ASN A 239 28.13 11.51 -18.98
CA ASN A 239 29.30 12.37 -19.20
C ASN A 239 29.64 12.48 -20.69
N GLU A 240 29.62 11.37 -21.41
CA GLU A 240 29.86 11.44 -22.84
C GLU A 240 28.84 12.30 -23.54
N PHE A 241 27.61 12.35 -23.03
CA PHE A 241 26.56 13.15 -23.67
C PHE A 241 26.75 14.64 -23.41
N TYR A 242 27.18 15.00 -22.20
CA TYR A 242 27.27 16.40 -21.83
C TYR A 242 28.58 17.06 -22.30
N ASP A 243 29.70 16.30 -22.30
CA ASP A 243 31.05 16.81 -22.57
C ASP A 243 31.29 18.17 -21.93
N ASP A 244 31.33 18.20 -20.60
CA ASP A 244 31.38 19.49 -19.92
C ASP A 244 32.41 19.52 -18.79
N GLY A 245 33.43 18.67 -18.83
CA GLY A 245 34.60 18.93 -18.02
C GLY A 245 34.78 17.93 -16.91
N LYS A 246 36.02 17.86 -16.45
CA LYS A 246 36.41 16.86 -15.44
C LYS A 246 35.60 16.98 -14.16
N GLU A 247 35.19 18.19 -13.80
CA GLU A 247 34.50 18.38 -12.52
C GLU A 247 33.08 17.83 -12.59
N ASN A 248 32.33 18.22 -13.61
CA ASN A 248 30.98 17.70 -13.80
C ASN A 248 30.98 16.17 -13.85
N ASN A 249 31.96 15.57 -14.55
CA ASN A 249 32.00 14.12 -14.61
C ASN A 249 32.14 13.51 -13.24
N LEU A 250 32.98 14.10 -12.38
CA LEU A 250 33.11 13.55 -11.04
C LEU A 250 31.80 13.68 -10.27
N ILE A 251 31.04 14.77 -10.52
CA ILE A 251 29.79 14.97 -9.81
C ILE A 251 28.76 13.91 -10.22
N ARG A 252 28.63 13.65 -11.53
CA ARG A 252 27.70 12.63 -11.98
C ARG A 252 28.04 11.27 -11.38
N HIS A 253 29.33 10.97 -11.22
CA HIS A 253 29.69 9.67 -10.66
C HIS A 253 29.38 9.62 -9.17
N VAL A 254 29.57 10.73 -8.47
CA VAL A 254 29.30 10.76 -7.03
C VAL A 254 27.80 10.68 -6.77
N LEU A 255 27.01 11.47 -7.51
CA LEU A 255 25.55 11.43 -7.33
C LEU A 255 25.01 10.03 -7.60
N LEU A 256 25.46 9.40 -8.69
CA LEU A 256 24.92 8.10 -9.05
C LEU A 256 25.13 7.08 -7.95
N MET A 257 26.10 7.30 -7.06
CA MET A 257 26.36 6.31 -6.01
C MET A 257 25.27 6.26 -4.94
N ASP A 258 24.36 7.24 -4.89
CA ASP A 258 23.31 7.28 -3.86
C ASP A 258 21.90 7.12 -4.44
N VAL A 259 21.77 6.69 -5.69
CA VAL A 259 20.48 6.76 -6.39
C VAL A 259 19.49 5.79 -5.77
N TYR A 260 19.95 4.57 -5.47
CA TYR A 260 19.04 3.56 -4.93
C TYR A 260 18.59 3.88 -3.52
N ASN A 261 19.43 4.53 -2.73
CA ASN A 261 19.11 4.86 -1.35
C ASN A 261 18.27 6.12 -1.22
N SER A 262 18.21 6.95 -2.27
CA SER A 262 17.38 8.14 -2.26
C SER A 262 15.90 7.78 -2.16
N GLY A 280 14.85 10.64 -7.70
CA GLY A 280 14.12 9.51 -7.15
C GLY A 280 13.54 8.62 -8.24
N ASN A 281 12.31 8.91 -8.66
CA ASN A 281 11.80 8.25 -9.86
C ASN A 281 12.65 8.57 -11.07
N PRO A 282 12.85 9.85 -11.44
CA PRO A 282 13.83 10.17 -12.50
C PRO A 282 15.27 9.78 -12.18
N ALA A 283 15.54 9.12 -11.05
CA ALA A 283 16.89 8.70 -10.73
C ALA A 283 17.12 7.21 -11.08
N THR A 284 16.29 6.32 -10.53
CA THR A 284 16.45 4.90 -10.80
C THR A 284 15.80 4.44 -12.10
N THR A 285 14.88 5.22 -12.67
CA THR A 285 14.16 4.67 -13.81
C THR A 285 15.04 4.66 -15.07
N PRO A 286 15.65 5.79 -15.47
CA PRO A 286 16.55 5.69 -16.62
C PRO A 286 17.79 4.89 -16.31
N LEU A 287 18.23 4.81 -15.06
CA LEU A 287 19.34 3.91 -14.74
C LEU A 287 18.95 2.46 -15.06
N ASN A 288 17.81 2.00 -14.55
CA ASN A 288 17.39 0.63 -14.87
C ASN A 288 17.12 0.43 -16.35
N CYS A 289 16.74 1.48 -17.08
CA CYS A 289 16.65 1.32 -18.53
C CYS A 289 18.01 0.97 -19.11
N PHE A 290 19.05 1.63 -18.59
CA PHE A 290 20.42 1.40 -19.06
C PHE A 290 20.87 -0.03 -18.75
N ILE A 291 20.62 -0.51 -17.54
CA ILE A 291 20.90 -1.91 -17.24
C ILE A 291 20.15 -2.82 -18.20
N ASN A 292 18.94 -2.44 -18.60
CA ASN A 292 18.22 -3.29 -19.54
C ASN A 292 18.94 -3.35 -20.87
N SER A 293 19.12 -2.20 -21.53
CA SER A 293 19.81 -2.19 -22.82
C SER A 293 21.19 -2.85 -22.73
N MET A 294 21.88 -2.69 -21.60
CA MET A 294 23.22 -3.25 -21.43
C MET A 294 23.15 -4.74 -21.15
N GLY A 295 22.43 -5.11 -20.10
CA GLY A 295 22.35 -6.49 -19.67
C GLY A 295 21.83 -7.44 -20.71
N LEU A 296 21.09 -6.95 -21.70
CA LEU A 296 20.49 -7.84 -22.70
C LEU A 296 21.31 -7.96 -23.96
N ARG A 297 22.20 -7.00 -24.21
CA ARG A 297 23.30 -7.25 -25.15
C ARG A 297 24.33 -8.20 -24.55
N MET A 298 24.61 -8.05 -23.25
CA MET A 298 25.51 -8.99 -22.60
C MET A 298 24.96 -10.41 -22.67
N CYS A 299 23.69 -10.58 -22.30
CA CYS A 299 23.04 -11.89 -22.38
C CYS A 299 23.15 -12.48 -23.78
N PHE A 300 22.99 -11.65 -24.80
CA PHE A 300 23.12 -12.10 -26.19
C PHE A 300 24.50 -12.68 -26.43
N ALA A 301 25.53 -12.02 -25.91
CA ALA A 301 26.90 -12.47 -26.09
C ALA A 301 27.18 -13.72 -25.26
N ILE A 302 26.73 -13.76 -24.01
CA ILE A 302 27.00 -14.98 -23.25
C ILE A 302 26.08 -16.12 -23.71
N CYS A 303 24.91 -15.82 -24.30
CA CYS A 303 24.06 -16.86 -24.87
C CYS A 303 24.59 -17.44 -26.18
N ALA A 304 25.50 -16.74 -26.84
CA ALA A 304 26.09 -17.27 -28.06
C ALA A 304 27.34 -18.09 -27.78
N LYS A 305 28.02 -17.84 -26.65
CA LYS A 305 29.18 -18.64 -26.30
C LYS A 305 28.77 -20.01 -25.74
N ASN A 306 27.66 -20.07 -25.00
CA ASN A 306 27.23 -21.35 -24.43
C ASN A 306 26.64 -22.31 -25.48
N ALA A 307 26.21 -21.79 -26.62
CA ALA A 307 25.69 -22.60 -27.71
C ALA A 307 26.56 -22.51 -28.95
N GLY A 308 27.77 -21.98 -28.81
CA GLY A 308 28.76 -21.97 -29.86
C GLY A 308 28.28 -21.42 -31.18
N ILE A 309 27.65 -20.26 -31.17
CA ILE A 309 27.21 -19.61 -32.40
C ILE A 309 28.27 -18.58 -32.78
N LYS A 310 28.67 -18.59 -34.05
CA LYS A 310 29.68 -17.65 -34.52
C LYS A 310 28.99 -16.32 -34.86
N MET A 311 28.46 -15.71 -33.81
CA MET A 311 27.93 -14.35 -33.82
C MET A 311 28.51 -13.58 -32.64
N THR A 312 28.54 -12.26 -32.81
CA THR A 312 29.04 -11.38 -31.76
C THR A 312 28.01 -10.30 -31.43
N MET A 313 28.31 -9.57 -30.36
CA MET A 313 27.41 -8.52 -29.89
C MET A 313 27.03 -7.52 -31.00
N LYS A 314 27.89 -7.33 -31.99
CA LYS A 314 27.51 -6.47 -33.11
C LYS A 314 26.44 -7.10 -34.01
N ASP A 315 26.06 -8.36 -33.75
CA ASP A 315 24.95 -9.00 -34.45
C ASP A 315 23.64 -8.87 -33.68
N PHE A 316 23.69 -8.35 -32.45
CA PHE A 316 22.49 -8.04 -31.68
C PHE A 316 21.54 -7.14 -32.46
N GLY A 317 22.03 -5.97 -32.89
CA GLY A 317 21.24 -5.02 -33.64
C GLY A 317 20.72 -5.49 -34.98
N LYS A 318 20.99 -6.74 -35.37
CA LYS A 318 20.43 -7.32 -36.58
C LYS A 318 19.41 -8.41 -36.28
N HIS A 319 19.26 -8.80 -35.00
CA HIS A 319 18.33 -9.85 -34.61
C HIS A 319 17.46 -9.52 -33.42
N VAL A 320 17.74 -8.47 -32.65
CA VAL A 320 17.02 -8.16 -31.43
C VAL A 320 16.59 -6.70 -31.44
N SER A 321 15.31 -6.47 -31.15
CA SER A 321 14.75 -5.14 -30.92
C SER A 321 14.10 -5.14 -29.54
N MET A 322 14.43 -4.15 -28.72
CA MET A 322 13.97 -4.17 -27.34
C MET A 322 13.56 -2.78 -26.91
N VAL A 323 12.88 -2.74 -25.78
CA VAL A 323 12.37 -1.49 -25.21
C VAL A 323 12.33 -1.72 -23.72
N SER A 324 12.43 -0.64 -22.95
CA SER A 324 12.53 -0.80 -21.51
C SER A 324 11.86 0.39 -20.83
N TYR A 325 11.34 0.16 -19.62
CA TYR A 325 10.86 1.22 -18.75
C TYR A 325 11.30 0.85 -17.34
N GLY A 326 12.43 1.44 -16.90
CA GLY A 326 13.01 1.00 -15.65
C GLY A 326 13.35 -0.46 -15.77
N ASP A 327 12.95 -1.23 -14.76
CA ASP A 327 13.27 -2.65 -14.67
C ASP A 327 12.41 -3.54 -15.58
N ASP A 328 11.41 -3.00 -16.27
CA ASP A 328 10.50 -3.80 -17.08
C ASP A 328 10.84 -3.66 -18.56
N ASN A 329 10.83 -4.77 -19.31
CA ASN A 329 11.23 -4.71 -20.72
C ASN A 329 10.28 -5.53 -21.60
N VAL A 330 10.39 -5.28 -22.90
CA VAL A 330 9.83 -6.14 -23.94
C VAL A 330 10.93 -6.31 -24.99
N ILE A 331 11.20 -7.56 -25.39
CA ILE A 331 12.32 -7.91 -26.27
C ILE A 331 11.78 -8.69 -27.46
N ASN A 332 12.04 -8.20 -28.66
CA ASN A 332 11.72 -8.90 -29.89
C ASN A 332 13.00 -9.50 -30.47
N PHE A 333 12.93 -10.76 -30.90
CA PHE A 333 14.07 -11.39 -31.54
C PHE A 333 13.65 -12.27 -32.71
N SER A 334 14.53 -12.33 -33.71
CA SER A 334 14.31 -13.10 -34.92
C SER A 334 14.18 -14.60 -34.63
N ASP A 335 13.61 -15.30 -35.61
CA ASP A 335 13.54 -16.76 -35.52
C ASP A 335 14.94 -17.38 -35.59
N GLU A 336 15.83 -16.76 -36.36
CA GLU A 336 17.19 -17.28 -36.52
C GLU A 336 17.89 -17.50 -35.20
N VAL A 337 17.73 -16.58 -34.24
CA VAL A 337 18.42 -16.64 -32.96
C VAL A 337 17.57 -17.25 -31.86
N CYS A 338 16.32 -17.60 -32.13
CA CYS A 338 15.34 -17.81 -31.07
C CYS A 338 15.56 -19.10 -30.25
N GLU A 339 16.21 -20.12 -30.82
CA GLU A 339 16.34 -21.37 -30.08
C GLU A 339 17.47 -21.33 -29.06
N TRP A 340 18.39 -20.38 -29.18
CA TRP A 340 19.41 -20.18 -28.16
C TRP A 340 19.28 -18.84 -27.43
N TYR A 341 18.50 -17.90 -27.95
CA TYR A 341 18.25 -16.61 -27.28
C TYR A 341 16.75 -16.45 -27.05
N ASN A 342 16.30 -16.77 -25.83
CA ASN A 342 14.88 -16.72 -25.50
C ASN A 342 14.74 -16.62 -23.98
N MET A 343 13.49 -16.65 -23.51
CA MET A 343 13.22 -16.47 -22.08
C MET A 343 14.04 -17.42 -21.23
N GLU A 344 14.17 -18.68 -21.65
CA GLU A 344 14.88 -19.66 -20.83
C GLU A 344 16.36 -19.29 -20.73
N THR A 345 17.02 -19.14 -21.86
CA THR A 345 18.45 -18.83 -21.85
C THR A 345 18.71 -17.43 -21.24
N ILE A 346 17.87 -16.44 -21.59
CA ILE A 346 18.11 -15.06 -21.17
C ILE A 346 17.95 -14.90 -19.67
N ALA A 347 16.95 -15.58 -19.10
CA ALA A 347 16.81 -15.60 -17.64
C ALA A 347 18.07 -16.14 -16.99
N LYS A 348 18.68 -17.17 -17.59
CA LYS A 348 19.88 -17.77 -17.00
C LYS A 348 21.09 -16.87 -17.18
N ALA A 349 21.28 -16.37 -18.40
CA ALA A 349 22.32 -15.38 -18.66
C ALA A 349 22.24 -14.21 -17.69
N PHE A 350 21.03 -13.74 -17.40
CA PHE A 350 20.85 -12.57 -16.55
C PHE A 350 21.26 -12.82 -15.09
N GLU A 351 21.23 -14.07 -14.59
CA GLU A 351 21.71 -14.31 -13.24
C GLU A 351 23.23 -14.36 -13.17
N THR A 352 23.89 -14.65 -14.29
CA THR A 352 25.33 -14.46 -14.38
C THR A 352 25.73 -13.01 -14.08
N LEU A 353 24.82 -12.06 -14.26
CA LEU A 353 25.08 -10.66 -14.01
C LEU A 353 24.57 -10.19 -12.66
N GLY A 354 23.99 -11.08 -11.86
CA GLY A 354 23.49 -10.72 -10.54
C GLY A 354 22.03 -10.34 -10.46
N PHE A 355 21.21 -10.73 -11.44
CA PHE A 355 19.81 -10.33 -11.51
C PHE A 355 18.90 -11.53 -11.69
N THR A 356 17.85 -11.57 -10.88
CA THR A 356 16.65 -12.37 -11.13
C THR A 356 15.88 -11.71 -12.27
N TYR A 357 15.39 -12.53 -13.22
CA TYR A 357 14.66 -11.98 -14.38
C TYR A 357 13.36 -12.76 -14.56
N THR A 358 12.34 -12.43 -13.77
CA THR A 358 11.06 -13.13 -13.82
C THR A 358 10.20 -12.67 -14.99
N ASP A 359 9.33 -13.57 -15.45
CA ASP A 359 8.30 -13.23 -16.43
C ASP A 359 7.08 -12.72 -15.67
N GLU A 360 6.50 -11.63 -16.19
N GLU A 360 6.48 -11.63 -16.17
CA GLU A 360 5.37 -10.96 -15.52
CA GLU A 360 5.39 -10.99 -15.45
C GLU A 360 4.25 -11.93 -15.21
C GLU A 360 4.24 -11.96 -15.18
N LEU A 361 3.81 -12.68 -16.22
CA LEU A 361 2.77 -13.70 -16.05
C LEU A 361 2.70 -14.57 -17.29
N VAL A 368 7.10 -21.51 -18.01
CA VAL A 368 7.71 -20.28 -18.51
C VAL A 368 8.00 -20.43 -20.00
N PRO A 369 7.09 -19.95 -20.85
CA PRO A 369 7.26 -20.12 -22.30
C PRO A 369 8.59 -19.58 -22.81
N LYS A 370 9.05 -20.05 -23.98
CA LYS A 370 10.32 -19.54 -24.47
C LYS A 370 10.14 -18.26 -25.26
N TRP A 371 8.93 -18.03 -25.76
CA TRP A 371 8.58 -16.77 -26.38
C TRP A 371 7.05 -16.68 -26.45
N ARG A 372 6.56 -15.54 -26.92
CA ARG A 372 5.13 -15.27 -27.13
C ARG A 372 4.97 -14.33 -28.32
N SER A 373 3.77 -13.78 -28.44
CA SER A 373 3.51 -12.76 -29.44
C SER A 373 3.20 -11.41 -28.78
N ILE A 374 3.34 -10.36 -29.58
CA ILE A 374 3.18 -9.01 -29.05
C ILE A 374 1.80 -8.79 -28.42
N LYS A 375 0.76 -9.50 -28.90
CA LYS A 375 -0.60 -9.41 -28.34
C LYS A 375 -0.79 -10.13 -27.01
N ASP A 376 0.19 -10.91 -26.55
CA ASP A 376 0.02 -11.69 -25.34
C ASP A 376 0.73 -11.08 -24.15
N VAL A 377 1.35 -9.93 -24.32
CA VAL A 377 2.37 -9.50 -23.39
C VAL A 377 1.93 -8.19 -22.73
N GLN A 378 2.37 -7.97 -21.49
CA GLN A 378 1.95 -6.81 -20.72
C GLN A 378 3.15 -5.89 -20.42
N TYR A 379 2.93 -4.59 -20.57
CA TYR A 379 3.96 -3.58 -20.53
C TYR A 379 3.32 -2.28 -20.03
N LEU A 380 3.90 -1.71 -18.98
CA LEU A 380 3.36 -0.51 -18.34
C LEU A 380 1.96 -0.75 -17.78
N LYS A 381 1.71 -1.96 -17.27
CA LYS A 381 0.40 -2.46 -16.87
C LYS A 381 -0.63 -2.40 -18.01
N ARG A 382 -0.21 -2.44 -19.26
CA ARG A 382 -1.13 -2.37 -20.39
C ARG A 382 -0.81 -3.50 -21.38
N LYS A 383 -1.61 -3.59 -22.44
CA LYS A 383 -1.37 -4.55 -23.50
C LYS A 383 -1.36 -3.85 -24.85
N PHE A 384 -0.97 -4.59 -25.87
CA PHE A 384 -0.98 -4.10 -27.24
C PHE A 384 -2.23 -4.67 -27.91
N ARG A 385 -3.26 -3.84 -28.05
CA ARG A 385 -4.52 -4.25 -28.64
C ARG A 385 -4.67 -3.56 -29.98
N TYR A 386 -4.87 -4.34 -31.04
CA TYR A 386 -5.23 -3.78 -32.34
C TYR A 386 -6.74 -3.85 -32.49
N ASP A 387 -7.35 -2.70 -32.78
CA ASP A 387 -8.80 -2.58 -32.90
C ASP A 387 -9.16 -2.75 -34.38
N GLU A 388 -9.72 -3.90 -34.72
CA GLU A 388 -10.02 -4.21 -36.11
C GLU A 388 -10.93 -3.17 -36.76
N GLN A 389 -11.97 -2.71 -36.05
CA GLN A 389 -12.89 -1.79 -36.70
C GLN A 389 -12.27 -0.41 -36.85
N ARG A 390 -11.65 0.11 -35.80
CA ARG A 390 -11.11 1.45 -35.85
C ARG A 390 -9.67 1.50 -36.33
N LYS A 391 -9.07 0.35 -36.61
CA LYS A 391 -7.75 0.22 -37.24
C LYS A 391 -6.70 1.09 -36.54
N VAL A 392 -6.34 0.66 -35.32
CA VAL A 392 -5.54 1.48 -34.42
C VAL A 392 -4.99 0.60 -33.31
N TRP A 393 -3.80 0.95 -32.81
CA TRP A 393 -3.14 0.20 -31.75
C TRP A 393 -3.38 0.91 -30.43
N GLU A 394 -4.02 0.22 -29.49
CA GLU A 394 -4.44 0.86 -28.26
C GLU A 394 -3.89 0.11 -27.07
N ALA A 395 -3.91 0.78 -25.91
CA ALA A 395 -3.13 0.41 -24.73
C ALA A 395 -4.03 0.14 -23.52
N PRO A 396 -4.94 -0.83 -23.62
CA PRO A 396 -5.85 -1.13 -22.49
C PRO A 396 -5.09 -1.37 -21.19
N LEU A 397 -5.42 -0.57 -20.18
CA LEU A 397 -4.87 -0.73 -18.86
C LEU A 397 -5.54 -1.89 -18.12
N CYS A 398 -4.74 -2.70 -17.41
CA CYS A 398 -5.25 -3.86 -16.70
C CYS A 398 -6.47 -3.52 -15.85
N MET A 399 -7.51 -4.35 -15.93
CA MET A 399 -8.74 -4.03 -15.21
C MET A 399 -8.50 -3.98 -13.71
N ASP A 400 -7.54 -4.77 -13.22
CA ASP A 400 -7.26 -4.70 -11.80
C ASP A 400 -6.73 -3.32 -11.41
N THR A 401 -5.98 -2.66 -12.28
CA THR A 401 -5.57 -1.28 -12.03
C THR A 401 -6.73 -0.30 -12.22
N ILE A 402 -7.43 -0.38 -13.36
CA ILE A 402 -8.59 0.48 -13.59
C ILE A 402 -9.54 0.41 -12.40
N LEU A 403 -9.78 -0.79 -11.88
CA LEU A 403 -10.84 -0.91 -10.89
C LEU A 403 -10.39 -0.53 -9.50
N GLU A 404 -9.16 -0.12 -9.30
CA GLU A 404 -8.82 0.49 -8.02
C GLU A 404 -8.82 2.00 -8.10
N MET A 405 -9.17 2.56 -9.27
CA MET A 405 -9.26 4.01 -9.41
C MET A 405 -10.48 4.60 -8.72
N PRO A 406 -11.68 4.02 -8.77
CA PRO A 406 -12.81 4.62 -8.06
C PRO A 406 -12.80 4.30 -6.57
N ASN A 407 -13.55 5.09 -5.82
CA ASN A 407 -13.86 4.79 -4.43
C ASN A 407 -15.26 4.18 -4.44
N TRP A 408 -15.36 2.92 -4.02
CA TRP A 408 -16.61 2.20 -4.10
C TRP A 408 -17.49 2.33 -2.85
N CYS A 409 -17.04 3.01 -1.82
CA CYS A 409 -17.81 3.11 -0.60
C CYS A 409 -19.21 3.65 -0.86
N ARG A 410 -20.24 2.89 -0.48
CA ARG A 410 -21.61 3.33 -0.76
C ARG A 410 -22.05 4.49 0.10
N GLY A 411 -21.29 4.85 1.13
CA GLY A 411 -21.60 6.00 1.96
C GLY A 411 -20.84 7.26 1.60
N GLY A 412 -20.01 7.21 0.54
CA GLY A 412 -19.13 8.28 0.14
C GLY A 412 -18.26 8.85 1.25
N LEU A 413 -17.41 8.01 1.84
CA LEU A 413 -16.61 8.44 2.98
C LEU A 413 -15.37 9.23 2.54
N ASP A 414 -14.26 8.56 2.22
CA ASP A 414 -13.05 9.32 1.92
C ASP A 414 -13.07 9.85 0.50
N ILE A 415 -14.11 10.58 0.13
CA ILE A 415 -14.15 11.20 -1.19
C ILE A 415 -13.20 12.40 -1.16
N GLN A 416 -12.12 12.30 -1.90
CA GLN A 416 -11.10 13.34 -1.97
C GLN A 416 -11.41 14.27 -3.15
N GLU A 417 -10.55 15.28 -3.34
CA GLU A 417 -10.76 16.24 -4.40
C GLU A 417 -10.75 15.58 -5.78
N GLY A 418 -9.82 14.64 -5.99
CA GLY A 418 -9.72 13.95 -7.25
C GLY A 418 -10.60 12.74 -7.43
N THR A 419 -11.52 12.45 -6.50
CA THR A 419 -12.36 11.28 -6.66
C THR A 419 -13.16 11.35 -7.95
N LYS A 420 -13.82 12.48 -8.21
CA LYS A 420 -14.55 12.62 -9.47
C LYS A 420 -13.62 12.41 -10.65
N LEU A 421 -12.46 13.09 -10.65
CA LEU A 421 -11.53 12.96 -11.77
C LEU A 421 -10.99 11.54 -11.91
N ASN A 422 -10.74 10.87 -10.78
CA ASN A 422 -10.26 9.49 -10.84
C ASN A 422 -11.27 8.58 -11.54
N CYS A 423 -12.55 8.81 -11.27
CA CYS A 423 -13.59 7.98 -11.88
C CYS A 423 -13.67 8.25 -13.38
N GLU A 424 -13.64 9.52 -13.76
CA GLU A 424 -13.63 9.88 -15.18
C GLU A 424 -12.45 9.27 -15.90
N ASN A 425 -11.25 9.30 -15.27
CA ASN A 425 -10.09 8.72 -15.94
C ASN A 425 -10.22 7.21 -16.07
N ALA A 426 -10.73 6.54 -15.04
CA ALA A 426 -10.97 5.11 -15.16
C ALA A 426 -11.88 4.81 -16.34
N ILE A 427 -12.90 5.64 -16.57
CA ILE A 427 -13.83 5.32 -17.66
C ILE A 427 -13.18 5.65 -19.00
N MET A 428 -12.42 6.74 -19.08
CA MET A 428 -11.62 6.99 -20.28
C MET A 428 -10.68 5.83 -20.56
N GLU A 429 -10.14 5.25 -19.49
CA GLU A 429 -9.22 4.15 -19.68
C GLU A 429 -9.96 2.90 -20.19
N LEU A 430 -11.24 2.77 -19.87
CA LEU A 430 -12.03 1.65 -20.38
C LEU A 430 -12.19 1.73 -21.90
N SER A 431 -12.11 2.92 -22.49
CA SER A 431 -12.34 3.07 -23.92
C SER A 431 -11.25 2.45 -24.77
N MET A 432 -10.13 2.04 -24.19
CA MET A 432 -9.07 1.38 -24.95
C MET A 432 -9.16 -0.14 -24.85
N HIS A 433 -10.08 -0.67 -24.04
CA HIS A 433 -10.47 -2.06 -24.16
C HIS A 433 -11.51 -2.22 -25.26
N GLU A 434 -11.96 -3.45 -25.50
CA GLU A 434 -13.07 -3.65 -26.43
C GLU A 434 -14.36 -3.04 -25.86
N GLU A 435 -15.25 -2.66 -26.79
CA GLU A 435 -16.46 -1.91 -26.42
C GLU A 435 -17.29 -2.65 -25.39
N SER A 436 -17.46 -3.96 -25.54
CA SER A 436 -18.15 -4.75 -24.52
C SER A 436 -17.68 -4.42 -23.11
N VAL A 437 -16.36 -4.35 -22.92
CA VAL A 437 -15.83 -4.07 -21.59
C VAL A 437 -16.13 -2.63 -21.18
N PHE A 438 -16.01 -1.68 -22.10
CA PHE A 438 -16.35 -0.30 -21.77
C PHE A 438 -17.83 -0.16 -21.42
N ASP A 439 -18.71 -0.87 -22.13
CA ASP A 439 -20.15 -0.74 -21.87
C ASP A 439 -20.51 -1.31 -20.49
N THR A 440 -19.94 -2.46 -20.13
CA THR A 440 -20.18 -3.06 -18.82
C THR A 440 -19.72 -2.14 -17.69
N TRP A 441 -18.44 -1.78 -17.70
CA TRP A 441 -17.85 -1.25 -16.50
C TRP A 441 -18.03 0.25 -16.36
N SER A 442 -18.15 0.99 -17.46
CA SER A 442 -18.46 2.41 -17.32
C SER A 442 -19.82 2.62 -16.66
N LYS A 443 -20.79 1.75 -16.94
CA LYS A 443 -22.09 1.90 -16.28
C LYS A 443 -21.98 1.59 -14.80
N ILE A 444 -21.24 0.53 -14.45
CA ILE A 444 -20.98 0.20 -13.06
C ILE A 444 -20.28 1.36 -12.36
N ILE A 445 -19.22 1.90 -12.97
CA ILE A 445 -18.48 2.98 -12.31
C ILE A 445 -19.34 4.23 -12.24
N ASP A 446 -20.12 4.50 -13.28
CA ASP A 446 -20.99 5.67 -13.29
C ASP A 446 -22.07 5.60 -12.21
N ARG A 447 -22.72 4.44 -12.07
CA ARG A 447 -23.78 4.32 -11.06
C ARG A 447 -23.19 4.35 -9.63
N ALA A 448 -22.05 3.70 -9.43
CA ALA A 448 -21.44 3.71 -8.10
C ALA A 448 -21.19 5.13 -7.65
N TYR A 449 -20.55 5.93 -8.51
CA TYR A 449 -20.27 7.32 -8.15
C TYR A 449 -21.54 8.09 -7.85
N ALA A 450 -22.61 7.81 -8.59
CA ALA A 450 -23.87 8.53 -8.42
C ALA A 450 -24.50 8.24 -7.07
N ASN A 451 -24.64 6.96 -6.72
CA ASN A 451 -25.21 6.57 -5.43
C ASN A 451 -24.37 7.06 -4.27
N ALA A 452 -23.05 7.16 -4.46
CA ALA A 452 -22.20 7.53 -3.33
C ALA A 452 -22.22 9.02 -3.09
N THR A 453 -22.22 9.82 -4.15
CA THR A 453 -22.03 11.26 -4.01
C THR A 453 -23.28 12.09 -4.27
N GLY A 454 -24.27 11.56 -4.98
CA GLY A 454 -25.39 12.37 -5.44
C GLY A 454 -25.05 13.34 -6.55
N ASP A 455 -23.81 13.31 -7.04
CA ASP A 455 -23.28 14.10 -8.12
C ASP A 455 -23.18 13.21 -9.37
N HIS A 456 -22.66 13.75 -10.47
CA HIS A 456 -22.60 13.04 -11.74
C HIS A 456 -21.23 13.22 -12.39
N LEU A 457 -20.82 12.19 -13.14
CA LEU A 457 -19.57 12.18 -13.90
C LEU A 457 -19.80 12.83 -15.26
N ASP A 458 -18.78 13.57 -15.74
CA ASP A 458 -18.78 14.06 -17.12
C ASP A 458 -17.92 13.11 -17.92
N ILE A 459 -18.56 12.18 -18.62
CA ILE A 459 -17.87 11.15 -19.37
C ILE A 459 -18.34 11.20 -20.81
N ASN A 460 -17.62 10.48 -21.64
CA ASN A 460 -17.84 10.52 -23.06
C ASN A 460 -18.35 9.16 -23.52
N THR A 461 -18.69 9.06 -24.79
CA THR A 461 -19.05 7.77 -25.33
C THR A 461 -17.79 7.03 -25.75
N TYR A 462 -17.97 5.77 -26.17
CA TYR A 462 -16.83 4.98 -26.60
C TYR A 462 -16.11 5.65 -27.77
N ARG A 463 -16.78 5.83 -28.90
CA ARG A 463 -16.13 6.47 -30.03
C ARG A 463 -15.79 7.93 -29.73
N GLY A 464 -16.43 8.54 -28.72
CA GLY A 464 -16.05 9.89 -28.32
C GLY A 464 -14.64 9.94 -27.77
N TYR A 465 -14.27 8.94 -26.95
CA TYR A 465 -12.89 8.84 -26.47
C TYR A 465 -11.94 8.55 -27.63
N ALA A 466 -12.29 7.59 -28.49
CA ALA A 466 -11.47 7.36 -29.69
C ALA A 466 -11.25 8.65 -30.47
N GLN A 467 -12.30 9.44 -30.66
CA GLN A 467 -12.18 10.68 -31.43
C GLN A 467 -11.30 11.68 -30.70
N GLU A 468 -11.43 11.75 -29.39
CA GLU A 468 -10.55 12.58 -28.59
C GLU A 468 -9.08 12.27 -28.89
N ARG A 469 -8.75 10.99 -29.01
CA ARG A 469 -7.36 10.61 -29.23
C ARG A 469 -6.93 10.90 -30.67
N PHE A 470 -7.82 10.64 -31.63
CA PHE A 470 -7.51 11.01 -33.01
C PHE A 470 -7.18 12.50 -33.15
N LEU A 471 -8.11 13.37 -32.76
CA LEU A 471 -7.90 14.81 -32.91
C LEU A 471 -6.63 15.32 -32.23
N GLU A 472 -6.11 14.63 -31.22
CA GLU A 472 -4.98 15.17 -30.48
C GLU A 472 -3.65 14.57 -30.86
N TYR A 473 -3.64 13.38 -31.47
CA TYR A 473 -2.41 12.64 -31.67
C TYR A 473 -2.22 12.08 -33.07
N TYR A 474 -3.27 12.02 -33.89
CA TYR A 474 -3.18 11.42 -35.21
C TYR A 474 -3.42 12.47 -36.30
N MET A 475 -3.29 13.74 -35.95
CA MET A 475 -3.77 14.81 -36.80
C MET A 475 -2.91 16.04 -36.62
N ASP B 35 -2.42 15.86 36.82
CA ASP B 35 -3.33 16.22 37.90
C ASP B 35 -4.12 14.99 38.37
N MET B 36 -5.34 14.85 37.86
CA MET B 36 -6.23 13.78 38.28
C MET B 36 -6.41 12.72 37.20
N ILE B 37 -5.30 12.16 36.70
CA ILE B 37 -5.44 10.98 35.84
C ILE B 37 -5.59 9.71 36.67
N ASP B 38 -5.41 9.80 37.99
CA ASP B 38 -5.74 8.67 38.84
C ASP B 38 -7.23 8.56 39.09
N GLU B 39 -7.97 9.67 38.91
CA GLU B 39 -9.43 9.57 38.97
C GLU B 39 -9.96 8.80 37.76
N ALA B 40 -9.38 9.05 36.59
CA ALA B 40 -9.73 8.27 35.41
C ALA B 40 -9.30 6.80 35.59
N TYR B 41 -8.14 6.59 36.20
CA TYR B 41 -7.65 5.23 36.39
C TYR B 41 -8.61 4.40 37.23
N GLN B 42 -9.02 4.93 38.39
CA GLN B 42 -9.85 4.15 39.30
C GLN B 42 -11.21 3.83 38.69
N LEU B 43 -11.75 4.76 37.89
CA LEU B 43 -13.04 4.49 37.28
C LEU B 43 -12.91 3.54 36.09
N THR B 44 -11.74 3.56 35.42
CA THR B 44 -11.49 2.68 34.28
C THR B 44 -11.15 1.26 34.74
N LYS B 45 -10.42 1.15 35.85
CA LYS B 45 -10.12 -0.16 36.42
C LYS B 45 -11.39 -0.85 36.89
N SER B 46 -12.30 -0.10 37.51
CA SER B 46 -13.60 -0.67 37.89
C SER B 46 -14.29 -1.31 36.69
N VAL B 47 -14.12 -0.74 35.50
CA VAL B 47 -14.72 -1.32 34.31
C VAL B 47 -13.85 -2.46 33.74
N TRP B 48 -12.53 -2.23 33.61
CA TRP B 48 -11.71 -3.21 32.90
C TRP B 48 -11.54 -4.52 33.68
N LEU B 49 -11.58 -4.48 35.01
CA LEU B 49 -11.36 -5.70 35.78
C LEU B 49 -12.64 -6.42 36.15
N LYS B 50 -13.80 -5.99 35.65
CA LYS B 50 -15.01 -6.76 35.86
C LYS B 50 -14.90 -8.08 35.13
N GLY B 51 -15.25 -9.18 35.81
CA GLY B 51 -15.17 -10.51 35.25
C GLY B 51 -13.87 -11.26 35.49
N MET B 52 -12.96 -10.72 36.30
CA MET B 52 -11.65 -11.32 36.54
C MET B 52 -11.76 -12.77 37.00
N ARG B 53 -10.94 -13.63 36.39
CA ARG B 53 -10.75 -15.01 36.82
C ARG B 53 -9.30 -15.19 37.26
N ASP B 54 -9.11 -15.81 38.42
CA ASP B 54 -7.76 -16.00 38.94
C ASP B 54 -6.96 -16.98 38.11
N GLU B 55 -7.63 -17.94 37.47
CA GLU B 55 -6.94 -18.92 36.62
C GLU B 55 -6.11 -18.24 35.54
N LEU B 56 -6.56 -17.09 35.02
CA LEU B 56 -5.82 -16.34 34.01
C LEU B 56 -4.72 -15.47 34.59
N LYS B 57 -4.63 -15.34 35.91
CA LYS B 57 -3.65 -14.47 36.55
C LYS B 57 -2.31 -15.16 36.72
N LYS B 58 -1.77 -15.74 35.66
CA LYS B 58 -0.46 -16.37 35.71
C LYS B 58 0.38 -15.90 34.54
N VAL B 59 1.62 -15.50 34.84
CA VAL B 59 2.62 -15.37 33.77
C VAL B 59 2.75 -16.73 33.09
N LEU B 60 2.83 -16.72 31.77
CA LEU B 60 2.88 -17.94 31.00
C LEU B 60 4.31 -18.47 30.90
N THR B 61 4.42 -19.80 30.80
CA THR B 61 5.68 -20.38 30.38
C THR B 61 5.99 -19.96 28.94
N TYR B 62 7.25 -20.12 28.54
CA TYR B 62 7.62 -19.75 27.18
C TYR B 62 6.95 -20.66 26.15
N GLU B 63 6.71 -21.92 26.52
CA GLU B 63 5.97 -22.82 25.66
C GLU B 63 4.52 -22.40 25.54
N GLU B 64 3.88 -22.05 26.65
CA GLU B 64 2.48 -21.61 26.63
C GLU B 64 2.27 -20.32 25.85
N ALA B 65 3.31 -19.49 25.68
CA ALA B 65 3.15 -18.26 24.90
C ALA B 65 3.29 -18.51 23.41
N ILE B 66 3.96 -19.59 23.02
CA ILE B 66 4.09 -19.96 21.63
C ILE B 66 3.02 -20.97 21.21
N CYS B 67 2.67 -21.91 22.09
CA CYS B 67 1.81 -23.02 21.73
C CYS B 67 0.43 -22.92 22.37
N GLY B 68 0.13 -21.80 23.02
CA GLY B 68 -1.16 -21.65 23.69
C GLY B 68 -1.26 -22.46 24.97
N SER B 69 -2.41 -22.33 25.60
CA SER B 69 -2.72 -23.03 26.84
C SER B 69 -4.22 -23.26 26.90
N GLU B 70 -4.62 -24.31 27.62
CA GLU B 70 -6.02 -24.67 27.71
C GLU B 70 -6.80 -23.79 28.68
N VAL B 71 -6.14 -22.81 29.32
CA VAL B 71 -6.87 -21.95 30.24
C VAL B 71 -7.89 -21.07 29.52
N SER B 72 -7.61 -20.66 28.28
CA SER B 72 -8.53 -19.78 27.57
C SER B 72 -8.48 -19.99 26.06
N GLU B 73 -9.63 -19.74 25.42
CA GLU B 73 -9.69 -19.69 23.96
C GLU B 73 -8.80 -18.61 23.37
N TYR B 74 -8.47 -17.55 24.13
CA TYR B 74 -7.65 -16.48 23.59
C TYR B 74 -6.20 -16.59 24.00
N ILE B 75 -5.78 -17.75 24.53
CA ILE B 75 -4.37 -18.05 24.71
C ILE B 75 -4.01 -19.21 23.77
N SER B 76 -3.55 -18.87 22.56
CA SER B 76 -3.44 -19.81 21.47
C SER B 76 -2.07 -19.75 20.81
N SER B 77 -1.81 -20.74 19.95
CA SER B 77 -0.55 -20.88 19.24
C SER B 77 -0.41 -19.81 18.15
N ILE B 78 0.65 -19.93 17.35
CA ILE B 78 0.86 -19.02 16.23
C ILE B 78 1.71 -19.70 15.14
N GLU B 108 11.34 -14.83 11.07
CA GLU B 108 9.95 -15.12 10.71
C GLU B 108 9.38 -16.40 11.40
N TYR B 109 10.16 -17.47 11.53
CA TYR B 109 9.71 -18.70 12.16
C TYR B 109 10.64 -19.12 13.29
N ILE B 110 10.11 -19.86 14.26
CA ILE B 110 10.89 -20.43 15.38
C ILE B 110 11.34 -21.83 14.98
N LEU B 111 12.60 -21.95 14.56
CA LEU B 111 13.17 -23.24 14.19
C LEU B 111 14.33 -23.69 15.09
N ASN B 112 14.82 -22.83 15.97
CA ASN B 112 15.97 -23.07 16.85
C ASN B 112 15.57 -22.83 18.30
N GLU B 113 16.53 -23.07 19.19
CA GLU B 113 16.44 -22.60 20.56
C GLU B 113 17.07 -21.22 20.74
N ASP B 114 17.62 -20.65 19.65
CA ASP B 114 18.04 -19.24 19.66
C ASP B 114 16.93 -18.35 20.20
N VAL B 115 15.70 -18.58 19.78
CA VAL B 115 14.58 -17.72 20.17
C VAL B 115 14.39 -17.76 21.69
N ARG B 116 14.40 -18.97 22.27
CA ARG B 116 14.37 -19.09 23.72
C ARG B 116 15.53 -18.34 24.37
N LEU B 117 16.69 -18.25 23.70
CA LEU B 117 17.82 -17.53 24.25
C LEU B 117 17.51 -16.04 24.39
N ALA B 118 17.14 -15.40 23.28
CA ALA B 118 16.84 -13.97 23.29
C ALA B 118 15.76 -13.61 24.30
N VAL B 119 14.77 -14.49 24.49
CA VAL B 119 13.73 -14.19 25.47
C VAL B 119 14.29 -14.28 26.88
N GLN B 120 15.06 -15.33 27.18
CA GLN B 120 15.73 -15.45 28.48
C GLN B 120 16.54 -14.20 28.79
N GLN B 121 17.36 -13.77 27.83
CA GLN B 121 18.06 -12.49 27.95
C GLN B 121 17.11 -11.38 28.39
N ARG B 122 15.97 -11.25 27.70
CA ARG B 122 15.11 -10.09 27.86
C ARG B 122 14.40 -10.09 29.23
N ILE B 123 14.00 -11.26 29.73
CA ILE B 123 13.33 -11.25 31.03
C ILE B 123 14.33 -10.97 32.15
N GLN B 124 15.59 -11.41 31.98
CA GLN B 124 16.63 -11.09 32.94
C GLN B 124 16.95 -9.61 32.92
N ALA B 125 17.35 -9.09 31.75
CA ALA B 125 17.67 -7.67 31.62
C ALA B 125 16.49 -6.77 31.99
N ALA B 126 15.28 -7.31 32.04
CA ALA B 126 14.12 -6.54 32.52
C ALA B 126 13.90 -6.69 34.01
N ARG B 127 14.32 -7.79 34.62
CA ARG B 127 14.33 -7.89 36.07
C ARG B 127 15.49 -7.11 36.67
N GLU B 128 16.55 -6.88 35.90
CA GLU B 128 17.65 -5.98 36.25
C GLU B 128 17.47 -4.61 35.60
N GLY B 129 16.22 -4.17 35.48
CA GLY B 129 15.86 -2.78 35.22
C GLY B 129 16.11 -2.23 33.83
N LYS B 130 16.80 -2.95 32.94
CA LYS B 130 17.14 -2.41 31.64
C LYS B 130 16.20 -2.96 30.55
N ARG B 131 16.45 -2.54 29.31
CA ARG B 131 15.60 -2.92 28.19
C ARG B 131 16.45 -3.01 26.94
N LEU B 132 16.46 -4.18 26.30
CA LEU B 132 17.02 -4.31 24.97
C LEU B 132 16.02 -3.79 23.95
N PRO B 133 16.36 -2.76 23.19
CA PRO B 133 15.39 -2.18 22.25
C PRO B 133 15.19 -3.06 21.02
N VAL B 134 14.07 -2.84 20.34
CA VAL B 134 13.70 -3.66 19.19
C VAL B 134 13.63 -2.83 17.92
N GLY B 161 15.67 -8.96 18.20
CA GLY B 161 14.78 -8.37 19.19
C GLY B 161 13.28 -8.51 18.92
N PRO B 162 12.84 -8.16 17.70
CA PRO B 162 11.39 -8.07 17.45
C PRO B 162 10.60 -9.33 17.81
N MET B 163 11.11 -10.54 17.50
CA MET B 163 10.34 -11.74 17.81
C MET B 163 10.37 -12.08 19.28
N ASP B 164 11.54 -11.98 19.93
CA ASP B 164 11.62 -12.30 21.35
C ASP B 164 10.87 -11.26 22.19
N PHE B 165 10.79 -10.02 21.70
CA PHE B 165 9.97 -9.05 22.39
C PHE B 165 8.52 -9.51 22.47
N SER B 166 7.98 -9.99 21.35
CA SER B 166 6.57 -10.34 21.28
C SER B 166 6.23 -11.55 22.15
N ILE B 167 7.13 -12.54 22.25
CA ILE B 167 6.88 -13.65 23.15
C ILE B 167 6.98 -13.17 24.59
N ALA B 168 8.03 -12.41 24.88
CA ALA B 168 8.18 -11.79 26.19
C ALA B 168 6.90 -11.08 26.62
N PHE B 169 6.47 -10.09 25.84
CA PHE B 169 5.23 -9.38 26.15
C PHE B 169 4.06 -10.34 26.33
N ARG B 170 3.94 -11.33 25.44
CA ARG B 170 2.84 -12.28 25.56
C ARG B 170 2.90 -13.02 26.89
N MET B 171 4.10 -13.45 27.28
CA MET B 171 4.26 -14.16 28.56
C MET B 171 3.71 -13.35 29.73
N TYR B 172 4.09 -12.08 29.83
CA TYR B 172 3.67 -11.30 30.98
C TYR B 172 2.30 -10.64 30.82
N TYR B 173 1.76 -10.52 29.59
CA TYR B 173 0.51 -9.80 29.40
C TYR B 173 -0.65 -10.63 28.85
N LEU B 174 -0.39 -11.77 28.20
CA LEU B 174 -1.45 -12.46 27.46
C LEU B 174 -2.59 -12.91 28.36
N GLY B 175 -2.31 -13.21 29.63
CA GLY B 175 -3.37 -13.54 30.55
C GLY B 175 -4.33 -12.38 30.78
N PHE B 176 -3.77 -11.17 30.94
CA PHE B 176 -4.59 -9.97 31.10
C PHE B 176 -5.37 -9.66 29.83
N ILE B 177 -4.69 -9.71 28.68
CA ILE B 177 -5.37 -9.50 27.40
C ILE B 177 -6.48 -10.54 27.21
N ALA B 178 -6.17 -11.81 27.49
CA ALA B 178 -7.19 -12.84 27.39
C ALA B 178 -8.40 -12.53 28.26
N HIS B 179 -8.16 -12.02 29.49
CA HIS B 179 -9.25 -11.59 30.36
C HIS B 179 -10.07 -10.46 29.75
N LEU B 180 -9.41 -9.54 29.03
CA LEU B 180 -10.15 -8.47 28.38
C LEU B 180 -11.01 -9.00 27.25
N MET B 181 -10.48 -9.97 26.49
CA MET B 181 -11.25 -10.56 25.39
C MET B 181 -12.42 -11.39 25.93
N GLU B 182 -12.24 -12.06 27.05
CA GLU B 182 -13.34 -12.87 27.57
C GLU B 182 -14.47 -12.00 28.10
N ASN B 183 -14.15 -10.77 28.49
CA ASN B 183 -15.14 -9.84 29.03
C ASN B 183 -15.40 -8.68 28.07
N ARG B 184 -15.16 -8.89 26.79
CA ARG B 184 -15.06 -7.79 25.83
C ARG B 184 -16.38 -7.06 25.67
N ILE B 185 -16.26 -5.82 25.15
CA ILE B 185 -17.34 -4.98 24.66
C ILE B 185 -18.00 -4.26 25.83
N THR B 186 -18.64 -5.00 26.74
CA THR B 186 -19.22 -4.34 27.90
C THR B 186 -18.15 -3.73 28.80
N ASN B 187 -16.87 -4.13 28.65
CA ASN B 187 -15.72 -3.51 29.30
C ASN B 187 -15.00 -2.51 28.39
N GLU B 188 -15.68 -1.99 27.38
CA GLU B 188 -15.17 -0.96 26.48
C GLU B 188 -14.07 -1.42 25.53
N VAL B 189 -13.62 -2.67 25.62
CA VAL B 189 -12.58 -3.20 24.74
C VAL B 189 -13.24 -4.08 23.68
N SER B 190 -12.88 -3.85 22.42
CA SER B 190 -13.41 -4.62 21.30
C SER B 190 -12.47 -5.70 20.78
N ILE B 191 -11.25 -5.81 21.30
CA ILE B 191 -10.36 -6.89 20.89
C ILE B 191 -11.04 -8.25 21.08
N GLY B 192 -10.94 -9.10 20.06
CA GLY B 192 -11.62 -10.37 20.07
C GLY B 192 -13.04 -10.34 19.54
N THR B 193 -13.50 -9.21 19.03
CA THR B 193 -14.87 -9.14 18.50
C THR B 193 -14.97 -9.99 17.25
N ASN B 194 -16.02 -10.81 17.18
CA ASN B 194 -16.32 -11.60 15.99
C ASN B 194 -17.46 -10.89 15.25
N VAL B 195 -17.13 -10.26 14.13
CA VAL B 195 -18.08 -9.41 13.42
C VAL B 195 -19.26 -10.21 12.86
N TYR B 196 -19.10 -11.51 12.68
CA TYR B 196 -20.18 -12.30 12.11
C TYR B 196 -21.15 -12.81 13.17
N SER B 197 -20.77 -12.68 14.44
CA SER B 197 -21.45 -13.25 15.58
C SER B 197 -22.42 -12.24 16.21
N GLN B 198 -22.82 -12.48 17.46
CA GLN B 198 -23.69 -11.55 18.19
C GLN B 198 -22.92 -10.44 18.85
N ASP B 199 -21.59 -10.51 18.84
CA ASP B 199 -20.77 -9.41 19.31
C ASP B 199 -21.15 -8.09 18.66
N TRP B 200 -21.60 -8.11 17.40
CA TRP B 200 -21.95 -6.86 16.75
C TRP B 200 -23.17 -6.23 17.40
N SER B 201 -24.26 -6.99 17.49
CA SER B 201 -25.46 -6.51 18.18
C SER B 201 -25.17 -6.16 19.63
N LYS B 202 -24.18 -6.81 20.23
CA LYS B 202 -23.84 -6.48 21.61
C LYS B 202 -23.11 -5.14 21.66
N THR B 203 -22.36 -4.83 20.60
CA THR B 203 -21.75 -3.50 20.47
C THR B 203 -22.80 -2.43 20.23
N VAL B 204 -23.66 -2.63 19.22
CA VAL B 204 -24.81 -1.77 18.97
C VAL B 204 -25.57 -1.49 20.26
N ARG B 205 -25.84 -2.55 21.00
CA ARG B 205 -26.50 -2.40 22.29
C ARG B 205 -25.70 -1.50 23.22
N LYS B 206 -24.37 -1.71 23.30
CA LYS B 206 -23.56 -0.86 24.17
C LYS B 206 -23.49 0.60 23.68
N LEU B 207 -23.71 0.85 22.39
CA LEU B 207 -23.57 2.19 21.85
C LEU B 207 -24.91 2.88 21.68
N THR B 208 -25.98 2.27 22.17
CA THR B 208 -27.30 2.87 22.18
C THR B 208 -27.83 3.01 23.60
N LYS B 209 -26.96 2.78 24.58
CA LYS B 209 -27.40 2.75 25.96
C LYS B 209 -27.93 4.10 26.42
N PHE B 210 -27.33 5.21 25.96
CA PHE B 210 -27.67 6.54 26.45
C PHE B 210 -28.28 7.44 25.37
N GLY B 211 -29.00 6.87 24.41
CA GLY B 211 -29.67 7.65 23.40
C GLY B 211 -29.09 7.44 22.02
N ASN B 212 -29.62 8.20 21.07
CA ASN B 212 -29.38 8.00 19.65
C ASN B 212 -28.13 8.70 19.13
N LYS B 213 -27.36 9.35 19.99
CA LYS B 213 -26.27 10.22 19.55
C LYS B 213 -24.92 9.52 19.72
N VAL B 214 -24.21 9.31 18.61
CA VAL B 214 -22.90 8.68 18.63
C VAL B 214 -21.89 9.46 17.79
N ILE B 215 -20.62 9.35 18.17
CA ILE B 215 -19.50 9.82 17.36
C ILE B 215 -18.49 8.68 17.22
N ALA B 216 -17.67 8.78 16.19
CA ALA B 216 -16.70 7.75 15.88
C ALA B 216 -15.44 8.40 15.33
N GLY B 217 -14.29 8.06 15.89
CA GLY B 217 -13.05 8.53 15.29
C GLY B 217 -11.88 7.71 15.78
N ASP B 218 -10.69 8.09 15.32
CA ASP B 218 -9.45 7.53 15.84
C ASP B 218 -8.54 8.66 16.32
N PHE B 219 -7.67 8.33 17.27
CA PHE B 219 -6.70 9.30 17.74
C PHE B 219 -5.32 9.02 17.17
N SER B 220 -4.47 10.05 17.20
CA SER B 220 -3.11 10.03 16.70
C SER B 220 -2.31 11.03 17.51
N THR B 221 -1.02 10.74 17.68
CA THR B 221 -0.14 11.62 18.46
C THR B 221 1.15 11.90 17.71
N SER B 225 5.56 13.79 19.92
CA SER B 225 5.03 13.84 21.29
C SER B 225 4.53 12.45 21.72
N LEU B 226 4.49 12.21 23.03
CA LEU B 226 3.97 10.95 23.56
C LEU B 226 3.53 11.15 25.01
N ASN B 227 2.43 10.48 25.39
CA ASN B 227 1.82 10.65 26.71
C ASN B 227 2.21 9.47 27.58
N VAL B 228 3.46 9.49 28.06
CA VAL B 228 3.97 8.39 28.87
C VAL B 228 3.34 8.33 30.25
N CYS B 229 2.52 9.32 30.63
CA CYS B 229 1.90 9.31 31.95
C CYS B 229 0.62 8.50 31.98
N ILE B 230 -0.10 8.44 30.85
CA ILE B 230 -1.27 7.59 30.71
C ILE B 230 -0.85 6.15 30.38
N MET B 231 0.17 6.01 29.53
CA MET B 231 0.62 4.66 29.15
C MET B 231 1.12 3.88 30.35
N GLU B 232 1.93 4.50 31.21
CA GLU B 232 2.39 3.82 32.43
C GLU B 232 1.24 3.26 33.24
N LYS B 233 0.09 3.94 33.25
CA LYS B 233 -1.06 3.44 33.98
C LYS B 233 -1.61 2.14 33.39
N PHE B 234 -1.20 1.78 32.17
CA PHE B 234 -1.58 0.48 31.60
C PHE B 234 -0.85 -0.65 32.31
N ALA B 235 0.48 -0.52 32.47
CA ALA B 235 1.24 -1.47 33.28
C ALA B 235 0.68 -1.59 34.69
N ASP B 236 0.32 -0.48 35.33
CA ASP B 236 -0.26 -0.55 36.67
C ASP B 236 -1.50 -1.42 36.67
N LEU B 237 -2.41 -1.15 35.74
CA LEU B 237 -3.64 -1.94 35.65
C LEU B 237 -3.33 -3.41 35.45
N ALA B 238 -2.37 -3.73 34.58
CA ALA B 238 -1.96 -5.11 34.40
C ALA B 238 -1.42 -5.69 35.70
N ASN B 239 -0.49 -4.96 36.33
CA ASN B 239 0.11 -5.40 37.59
C ASN B 239 -0.95 -5.60 38.67
N GLU B 240 -1.95 -4.71 38.72
CA GLU B 240 -3.02 -4.90 39.67
C GLU B 240 -3.91 -6.09 39.32
N PHE B 241 -3.90 -6.51 38.05
CA PHE B 241 -4.64 -7.71 37.67
C PHE B 241 -3.90 -8.96 38.09
N TYR B 242 -2.60 -9.01 37.81
CA TYR B 242 -1.80 -10.19 38.09
C TYR B 242 -1.51 -10.33 39.57
N ASP B 243 -1.16 -9.22 40.24
CA ASP B 243 -0.87 -9.17 41.67
C ASP B 243 0.21 -10.18 42.07
N ASP B 244 1.43 -9.95 41.58
CA ASP B 244 2.45 -10.98 41.77
C ASP B 244 3.89 -10.46 41.99
N GLY B 245 4.07 -9.24 42.47
CA GLY B 245 5.34 -8.90 43.08
C GLY B 245 6.10 -7.84 42.29
N LYS B 246 7.05 -7.22 42.99
CA LYS B 246 7.82 -6.12 42.42
C LYS B 246 8.71 -6.58 41.27
N GLU B 247 9.16 -7.85 41.31
CA GLU B 247 9.95 -8.37 40.21
C GLU B 247 9.13 -8.44 38.94
N ASN B 248 7.89 -8.93 39.05
CA ASN B 248 7.01 -8.99 37.89
C ASN B 248 6.57 -7.59 37.46
N ASN B 249 6.12 -6.78 38.42
CA ASN B 249 5.75 -5.40 38.11
C ASN B 249 6.86 -4.66 37.40
N LEU B 250 8.11 -4.96 37.73
CA LEU B 250 9.21 -4.30 37.05
C LEU B 250 9.29 -4.71 35.58
N ILE B 251 9.13 -6.01 35.31
CA ILE B 251 9.26 -6.51 33.94
C ILE B 251 8.21 -5.88 33.04
N ARG B 252 6.96 -5.82 33.50
CA ARG B 252 5.88 -5.27 32.68
C ARG B 252 6.10 -3.79 32.36
N HIS B 253 6.57 -3.00 33.33
CA HIS B 253 6.93 -1.62 33.02
C HIS B 253 8.11 -1.57 32.07
N VAL B 254 9.06 -2.49 32.22
CA VAL B 254 10.23 -2.47 31.34
C VAL B 254 9.83 -2.86 29.92
N LEU B 255 9.00 -3.90 29.79
CA LEU B 255 8.56 -4.33 28.46
C LEU B 255 7.68 -3.27 27.81
N LEU B 256 6.71 -2.74 28.58
CA LEU B 256 5.80 -1.71 28.06
C LEU B 256 6.56 -0.55 27.43
N MET B 257 7.77 -0.26 27.92
CA MET B 257 8.55 0.86 27.40
C MET B 257 8.79 0.73 25.90
N ASP B 258 8.79 -0.49 25.37
CA ASP B 258 9.07 -0.73 23.96
C ASP B 258 7.81 -0.95 23.11
N VAL B 259 6.62 -0.88 23.70
CA VAL B 259 5.41 -1.17 22.95
C VAL B 259 5.04 0.00 22.03
N ASN B 281 3.66 -4.77 18.40
CA ASN B 281 2.85 -4.28 17.30
C ASN B 281 1.36 -4.68 17.46
N PRO B 282 1.08 -5.89 17.93
CA PRO B 282 -0.23 -6.15 18.54
C PRO B 282 -0.23 -6.00 20.06
N ALA B 283 0.91 -5.60 20.64
CA ALA B 283 0.94 -5.07 22.01
C ALA B 283 0.35 -3.67 22.08
N THR B 284 0.33 -2.95 20.95
CA THR B 284 -0.20 -1.60 20.93
C THR B 284 -1.72 -1.57 21.01
N THR B 285 -2.39 -2.58 20.45
CA THR B 285 -3.84 -2.55 20.38
C THR B 285 -4.49 -2.49 21.76
N PRO B 286 -4.13 -3.34 22.73
CA PRO B 286 -4.78 -3.20 24.05
C PRO B 286 -4.39 -1.90 24.76
N LEU B 287 -3.17 -1.40 24.54
CA LEU B 287 -2.76 -0.17 25.20
C LEU B 287 -3.52 1.04 24.62
N ASN B 288 -3.63 1.14 23.29
CA ASN B 288 -4.44 2.22 22.73
C ASN B 288 -5.89 2.14 23.18
N CYS B 289 -6.43 0.92 23.35
CA CYS B 289 -7.74 0.79 23.95
C CYS B 289 -7.80 1.48 25.31
N PHE B 290 -6.74 1.36 26.11
CA PHE B 290 -6.67 1.96 27.43
C PHE B 290 -6.58 3.48 27.36
N ILE B 291 -5.71 4.00 26.49
CA ILE B 291 -5.72 5.41 26.19
C ILE B 291 -7.13 5.88 25.87
N ASN B 292 -7.83 5.17 24.98
CA ASN B 292 -9.20 5.54 24.65
C ASN B 292 -10.12 5.47 25.87
N SER B 293 -9.91 4.52 26.77
CA SER B 293 -10.74 4.51 27.96
C SER B 293 -10.31 5.57 28.98
N MET B 294 -9.01 5.85 29.08
CA MET B 294 -8.55 6.95 29.93
C MET B 294 -8.96 8.29 29.34
N GLY B 295 -8.64 8.52 28.06
CA GLY B 295 -8.75 9.84 27.48
C GLY B 295 -10.17 10.37 27.41
N LEU B 296 -11.14 9.50 27.14
CA LEU B 296 -12.50 9.98 26.93
C LEU B 296 -13.20 10.30 28.23
N ARG B 297 -12.77 9.70 29.35
CA ARG B 297 -13.18 10.18 30.66
C ARG B 297 -12.49 11.49 31.01
N MET B 298 -11.24 11.68 30.59
CA MET B 298 -10.54 12.93 30.87
C MET B 298 -11.17 14.10 30.13
N CYS B 299 -11.51 13.92 28.85
CA CYS B 299 -12.27 14.93 28.14
C CYS B 299 -13.59 15.25 28.85
N PHE B 300 -14.23 14.24 29.46
CA PHE B 300 -15.49 14.47 30.16
C PHE B 300 -15.31 15.41 31.34
N ALA B 301 -14.22 15.24 32.08
CA ALA B 301 -13.91 16.19 33.15
C ALA B 301 -13.55 17.55 32.56
N ILE B 302 -12.74 17.56 31.50
CA ILE B 302 -12.32 18.82 30.92
C ILE B 302 -13.51 19.54 30.29
N CYS B 303 -14.36 18.81 29.57
CA CYS B 303 -15.51 19.42 28.91
C CYS B 303 -16.58 19.91 29.87
N ALA B 304 -16.59 19.40 31.10
CA ALA B 304 -17.52 19.85 32.13
C ALA B 304 -17.03 21.09 32.87
N LYS B 305 -15.71 21.28 32.92
CA LYS B 305 -15.17 22.54 33.40
C LYS B 305 -15.35 23.65 32.36
N ASN B 306 -14.83 23.43 31.15
CA ASN B 306 -14.80 24.45 30.10
C ASN B 306 -16.19 24.94 29.70
N ALA B 307 -17.23 24.34 30.28
CA ALA B 307 -18.60 24.80 30.09
C ALA B 307 -19.34 24.99 31.40
N GLY B 308 -18.67 24.84 32.54
CA GLY B 308 -19.26 25.07 33.85
C GLY B 308 -20.52 24.29 34.16
N ILE B 309 -20.42 22.97 34.29
CA ILE B 309 -21.58 22.10 34.49
C ILE B 309 -21.45 21.38 35.84
N LYS B 310 -22.59 21.15 36.49
CA LYS B 310 -22.64 20.47 37.79
C LYS B 310 -22.41 18.96 37.68
N MET B 311 -21.25 18.56 37.12
CA MET B 311 -20.89 17.15 37.01
C MET B 311 -19.39 16.98 37.21
N THR B 312 -19.01 15.93 37.91
CA THR B 312 -17.65 15.45 37.96
C THR B 312 -17.51 14.23 37.03
N MET B 313 -16.29 13.73 36.87
CA MET B 313 -16.10 12.62 35.95
C MET B 313 -16.62 11.29 36.49
N LYS B 314 -17.13 11.26 37.73
CA LYS B 314 -17.88 10.11 38.22
C LYS B 314 -19.30 10.05 37.64
N ASP B 315 -19.72 11.08 36.91
CA ASP B 315 -20.99 11.05 36.21
C ASP B 315 -20.86 10.48 34.79
N PHE B 316 -19.62 10.25 34.33
CA PHE B 316 -19.37 9.65 33.02
C PHE B 316 -20.19 8.38 32.81
N GLY B 317 -20.20 7.50 33.81
CA GLY B 317 -20.96 6.27 33.72
C GLY B 317 -22.44 6.46 33.49
N LYS B 318 -22.98 7.63 33.84
CA LYS B 318 -24.41 7.86 33.68
C LYS B 318 -24.77 8.52 32.35
N HIS B 319 -23.79 8.85 31.49
CA HIS B 319 -24.10 9.53 30.23
C HIS B 319 -23.30 9.07 29.03
N VAL B 320 -22.17 8.38 29.21
CA VAL B 320 -21.29 8.02 28.10
C VAL B 320 -21.06 6.51 28.10
N SER B 321 -21.33 5.88 26.96
CA SER B 321 -20.96 4.49 26.68
C SER B 321 -20.10 4.44 25.44
N MET B 322 -18.93 3.81 25.55
CA MET B 322 -17.97 3.75 24.46
C MET B 322 -17.42 2.33 24.27
N VAL B 323 -16.91 2.06 23.07
CA VAL B 323 -16.00 0.95 22.81
C VAL B 323 -14.80 1.47 22.02
N SER B 324 -13.71 0.72 22.05
CA SER B 324 -12.59 1.07 21.19
C SER B 324 -11.87 -0.19 20.71
N TYR B 325 -11.32 -0.13 19.50
CA TYR B 325 -10.40 -1.16 19.01
C TYR B 325 -9.08 -0.48 18.69
N GLY B 326 -8.09 -0.61 19.58
CA GLY B 326 -6.85 0.10 19.41
C GLY B 326 -7.06 1.61 19.45
N ASP B 327 -6.67 2.31 18.39
CA ASP B 327 -6.84 3.76 18.32
C ASP B 327 -8.23 4.18 17.85
N ASP B 328 -9.06 3.26 17.36
CA ASP B 328 -10.39 3.59 16.86
C ASP B 328 -11.42 3.45 17.96
N ASN B 329 -12.41 4.33 17.98
CA ASN B 329 -13.48 4.22 18.96
C ASN B 329 -14.83 4.58 18.35
N VAL B 330 -15.87 4.27 19.12
CA VAL B 330 -17.22 4.75 18.89
C VAL B 330 -17.72 5.17 20.26
N ILE B 331 -18.30 6.37 20.35
CA ILE B 331 -18.77 6.88 21.64
C ILE B 331 -20.26 7.23 21.53
N ASN B 332 -21.01 6.80 22.55
CA ASN B 332 -22.43 7.13 22.70
C ASN B 332 -22.55 8.02 23.92
N PHE B 333 -23.23 9.17 23.78
CA PHE B 333 -23.42 10.08 24.91
C PHE B 333 -24.86 10.58 24.95
N SER B 334 -25.35 10.79 26.17
CA SER B 334 -26.72 11.17 26.43
C SER B 334 -27.06 12.55 25.85
N ASP B 335 -28.36 12.76 25.62
CA ASP B 335 -28.82 14.06 25.16
C ASP B 335 -28.50 15.16 26.16
N GLU B 336 -28.51 14.86 27.46
CA GLU B 336 -28.24 15.85 28.50
C GLU B 336 -26.82 16.41 28.45
N VAL B 337 -25.89 15.82 27.69
CA VAL B 337 -24.52 16.27 27.75
C VAL B 337 -24.01 16.57 26.35
N CYS B 338 -24.89 16.45 25.35
CA CYS B 338 -24.45 16.56 23.97
C CYS B 338 -24.06 17.99 23.59
N GLU B 339 -24.59 19.00 24.28
CA GLU B 339 -24.28 20.38 23.93
C GLU B 339 -22.88 20.81 24.39
N TRP B 340 -22.27 20.10 25.36
CA TRP B 340 -20.89 20.33 25.76
C TRP B 340 -19.97 19.11 25.64
N TYR B 341 -20.48 17.94 25.26
CA TYR B 341 -19.67 16.74 25.08
C TYR B 341 -20.05 16.18 23.71
N ASN B 342 -19.19 16.39 22.71
CA ASN B 342 -19.54 16.01 21.34
C ASN B 342 -18.26 15.96 20.50
N MET B 343 -18.43 15.82 19.17
CA MET B 343 -17.27 15.66 18.31
C MET B 343 -16.34 16.86 18.43
N GLU B 344 -16.90 18.06 18.62
CA GLU B 344 -16.10 19.28 18.67
C GLU B 344 -15.39 19.41 20.02
N THR B 345 -16.14 19.41 21.11
CA THR B 345 -15.51 19.64 22.41
C THR B 345 -14.54 18.52 22.74
N ILE B 346 -14.83 17.30 22.26
CA ILE B 346 -13.95 16.18 22.59
C ILE B 346 -12.67 16.23 21.77
N ALA B 347 -12.78 16.55 20.49
CA ALA B 347 -11.59 16.64 19.66
C ALA B 347 -10.65 17.74 20.15
N LYS B 348 -11.22 18.79 20.76
CA LYS B 348 -10.40 19.83 21.39
C LYS B 348 -9.75 19.33 22.66
N ALA B 349 -10.56 18.85 23.62
CA ALA B 349 -10.04 18.39 24.89
C ALA B 349 -8.98 17.30 24.73
N PHE B 350 -9.03 16.52 23.64
CA PHE B 350 -8.00 15.51 23.38
C PHE B 350 -6.66 16.13 23.04
N GLU B 351 -6.66 17.29 22.36
CA GLU B 351 -5.39 17.99 22.07
C GLU B 351 -4.67 18.39 23.35
N THR B 352 -5.42 18.67 24.42
CA THR B 352 -4.79 18.93 25.70
C THR B 352 -3.97 17.73 26.16
N LEU B 353 -4.49 16.52 25.94
CA LEU B 353 -3.78 15.31 26.36
C LEU B 353 -2.75 14.84 25.35
N GLY B 354 -2.59 15.57 24.24
CA GLY B 354 -1.56 15.26 23.29
C GLY B 354 -2.02 14.57 22.02
N PHE B 355 -3.32 14.45 21.80
CA PHE B 355 -3.85 13.65 20.70
C PHE B 355 -4.68 14.49 19.75
N THR B 356 -4.58 14.16 18.47
CA THR B 356 -5.48 14.70 17.45
C THR B 356 -6.52 13.63 17.15
N TYR B 357 -7.76 13.91 17.49
CA TYR B 357 -8.87 12.97 17.37
C TYR B 357 -9.74 13.38 16.18
N THR B 358 -9.68 12.62 15.09
CA THR B 358 -10.38 12.97 13.85
C THR B 358 -11.31 11.86 13.38
N ASP B 359 -12.40 12.29 12.76
CA ASP B 359 -13.35 11.42 12.05
C ASP B 359 -13.11 11.49 10.55
N GLU B 360 -13.23 10.36 9.85
CA GLU B 360 -13.04 10.34 8.39
C GLU B 360 -14.05 11.25 7.67
N VAL B 368 -17.63 17.94 9.38
CA VAL B 368 -17.71 17.16 10.62
C VAL B 368 -18.89 17.64 11.46
N PRO B 369 -19.87 16.78 11.69
CA PRO B 369 -21.01 17.15 12.53
C PRO B 369 -20.57 17.12 13.99
N LYS B 370 -21.51 17.44 14.89
CA LYS B 370 -21.22 17.33 16.32
C LYS B 370 -21.64 15.98 16.88
N TRP B 371 -22.42 15.21 16.12
CA TRP B 371 -22.79 13.84 16.46
C TRP B 371 -23.44 13.21 15.26
N ARG B 372 -23.52 11.87 15.27
CA ARG B 372 -24.13 11.09 14.19
C ARG B 372 -25.00 10.02 14.82
N SER B 373 -25.58 9.17 13.98
CA SER B 373 -26.39 8.06 14.45
C SER B 373 -25.63 6.74 14.26
N ILE B 374 -26.05 5.73 15.02
CA ILE B 374 -25.30 4.48 15.04
C ILE B 374 -25.30 3.81 13.67
N LYS B 375 -26.29 4.11 12.84
CA LYS B 375 -26.30 3.55 11.48
C LYS B 375 -25.37 4.29 10.53
N ASP B 376 -24.66 5.32 11.00
CA ASP B 376 -23.85 6.16 10.11
C ASP B 376 -22.36 5.90 10.22
N VAL B 377 -21.91 5.49 11.35
CA VAL B 377 -20.49 5.44 11.70
C VAL B 377 -19.88 4.12 11.21
N GLN B 378 -18.60 4.16 10.91
CA GLN B 378 -17.86 3.00 10.45
C GLN B 378 -16.90 2.58 11.54
N TYR B 379 -16.88 1.28 11.86
CA TYR B 379 -16.07 0.70 12.91
C TYR B 379 -15.46 -0.59 12.38
N LEU B 380 -14.13 -0.68 12.42
CA LEU B 380 -13.36 -1.79 11.85
C LEU B 380 -13.73 -2.01 10.38
N LYS B 381 -13.77 -0.91 9.62
CA LYS B 381 -14.05 -0.92 8.20
C LYS B 381 -15.45 -1.42 7.88
N ARG B 382 -16.34 -1.38 8.86
CA ARG B 382 -17.66 -2.01 8.74
C ARG B 382 -18.70 -1.06 9.31
N LYS B 383 -19.96 -1.29 8.92
CA LYS B 383 -21.07 -0.51 9.47
C LYS B 383 -21.97 -1.39 10.35
N PHE B 384 -22.76 -0.71 11.18
CA PHE B 384 -23.82 -1.36 11.94
C PHE B 384 -25.11 -1.28 11.11
N ARG B 385 -25.50 -2.40 10.52
CA ARG B 385 -26.70 -2.49 9.70
C ARG B 385 -27.71 -3.44 10.33
N TYR B 386 -28.99 -3.06 10.33
CA TYR B 386 -30.08 -3.89 10.83
C TYR B 386 -30.85 -4.48 9.66
N ASP B 387 -30.88 -5.81 9.55
CA ASP B 387 -31.67 -6.41 8.48
C ASP B 387 -33.13 -6.47 8.95
N GLU B 388 -34.00 -5.73 8.26
CA GLU B 388 -35.37 -5.60 8.73
C GLU B 388 -36.17 -6.89 8.57
N GLN B 389 -35.84 -7.71 7.57
CA GLN B 389 -36.53 -8.98 7.39
C GLN B 389 -36.06 -10.02 8.39
N ARG B 390 -34.74 -10.18 8.54
CA ARG B 390 -34.15 -11.20 9.41
C ARG B 390 -33.86 -10.70 10.81
N LYS B 391 -34.13 -9.43 11.10
CA LYS B 391 -34.11 -8.89 12.47
C LYS B 391 -32.81 -9.19 13.20
N VAL B 392 -31.70 -8.79 12.58
CA VAL B 392 -30.37 -9.11 13.09
C VAL B 392 -29.40 -7.99 12.71
N TRP B 393 -28.42 -7.75 13.55
CA TRP B 393 -27.42 -6.70 13.31
C TRP B 393 -26.21 -7.29 12.60
N GLU B 394 -25.95 -6.86 11.38
CA GLU B 394 -24.80 -7.34 10.64
C GLU B 394 -23.75 -6.24 10.49
N ALA B 395 -22.58 -6.67 10.01
CA ALA B 395 -21.36 -5.85 10.01
C ALA B 395 -20.80 -5.75 8.59
N PRO B 396 -21.52 -5.10 7.67
CA PRO B 396 -21.10 -5.12 6.27
C PRO B 396 -19.76 -4.41 6.07
N LEU B 397 -18.84 -5.10 5.40
CA LEU B 397 -17.52 -4.59 5.10
C LEU B 397 -17.59 -3.60 3.94
N CYS B 398 -16.91 -2.46 4.10
CA CYS B 398 -16.95 -1.38 3.12
C CYS B 398 -16.69 -1.90 1.73
N MET B 399 -17.49 -1.44 0.77
CA MET B 399 -17.35 -1.95 -0.60
C MET B 399 -15.96 -1.72 -1.14
N ASP B 400 -15.32 -0.65 -0.68
CA ASP B 400 -13.99 -0.37 -1.14
C ASP B 400 -13.01 -1.45 -0.72
N THR B 401 -13.15 -2.00 0.49
CA THR B 401 -12.34 -3.15 0.87
C THR B 401 -12.77 -4.43 0.16
N ILE B 402 -14.07 -4.71 0.10
CA ILE B 402 -14.52 -5.93 -0.56
C ILE B 402 -13.97 -6.00 -1.97
N LEU B 403 -14.04 -4.87 -2.69
CA LEU B 403 -13.75 -4.91 -4.11
C LEU B 403 -12.27 -4.93 -4.42
N GLU B 404 -11.41 -4.83 -3.41
CA GLU B 404 -10.01 -5.12 -3.64
C GLU B 404 -9.67 -6.58 -3.37
N MET B 405 -10.63 -7.37 -2.88
CA MET B 405 -10.40 -8.81 -2.73
C MET B 405 -10.33 -9.55 -4.05
N PRO B 406 -11.28 -9.43 -4.98
CA PRO B 406 -11.19 -10.16 -6.25
C PRO B 406 -9.97 -9.75 -7.06
N ASN B 407 -9.70 -10.55 -8.10
CA ASN B 407 -8.70 -10.23 -9.12
C ASN B 407 -9.41 -10.08 -10.44
N TRP B 408 -9.31 -8.89 -11.04
CA TRP B 408 -10.14 -8.52 -12.19
C TRP B 408 -9.46 -8.70 -13.54
N CYS B 409 -8.21 -9.13 -13.58
CA CYS B 409 -7.48 -9.17 -14.85
C CYS B 409 -8.08 -10.21 -15.79
N ARG B 410 -8.40 -9.79 -17.01
CA ARG B 410 -9.11 -10.65 -17.98
C ARG B 410 -8.12 -11.52 -18.73
N GLY B 411 -7.44 -12.38 -17.97
CA GLY B 411 -6.39 -13.24 -18.50
C GLY B 411 -5.62 -13.93 -17.39
N GLN B 416 -4.19 -15.51 -11.78
CA GLN B 416 -3.32 -15.46 -10.61
C GLN B 416 -3.71 -16.60 -9.67
N GLU B 417 -3.06 -16.68 -8.50
CA GLU B 417 -3.30 -17.76 -7.54
C GLU B 417 -3.76 -17.18 -6.21
N GLY B 418 -4.60 -17.95 -5.52
CA GLY B 418 -5.30 -17.49 -4.34
C GLY B 418 -6.63 -16.82 -4.60
N THR B 419 -7.03 -16.66 -5.87
CA THR B 419 -8.09 -15.70 -6.17
C THR B 419 -9.48 -16.30 -6.11
N LYS B 420 -9.63 -17.60 -6.38
CA LYS B 420 -10.94 -18.23 -6.19
C LYS B 420 -11.42 -18.05 -4.75
N LEU B 421 -10.55 -18.38 -3.79
CA LEU B 421 -10.92 -18.18 -2.40
C LEU B 421 -11.21 -16.71 -2.12
N ASN B 422 -10.45 -15.81 -2.73
CA ASN B 422 -10.60 -14.39 -2.47
C ASN B 422 -11.95 -13.87 -2.97
N CYS B 423 -12.39 -14.31 -4.15
CA CYS B 423 -13.69 -13.92 -4.67
C CYS B 423 -14.82 -14.52 -3.85
N GLU B 424 -14.61 -15.72 -3.31
CA GLU B 424 -15.66 -16.35 -2.53
C GLU B 424 -15.77 -15.68 -1.17
N ASN B 425 -14.64 -15.24 -0.60
CA ASN B 425 -14.70 -14.52 0.65
C ASN B 425 -15.37 -13.16 0.47
N ALA B 426 -15.11 -12.52 -0.67
CA ALA B 426 -15.76 -11.25 -0.98
C ALA B 426 -17.26 -11.41 -1.09
N ILE B 427 -17.72 -12.49 -1.76
CA ILE B 427 -19.14 -12.71 -1.89
C ILE B 427 -19.77 -13.04 -0.53
N MET B 428 -19.04 -13.79 0.31
CA MET B 428 -19.51 -13.98 1.67
C MET B 428 -19.71 -12.64 2.39
N GLU B 429 -18.75 -11.71 2.25
CA GLU B 429 -18.92 -10.43 2.94
C GLU B 429 -20.09 -9.62 2.36
N LEU B 430 -20.34 -9.74 1.05
CA LEU B 430 -21.47 -9.03 0.47
C LEU B 430 -22.80 -9.44 1.10
N SER B 431 -22.88 -10.69 1.59
CA SER B 431 -24.09 -11.19 2.24
C SER B 431 -24.40 -10.44 3.52
N MET B 432 -23.45 -9.79 4.14
CA MET B 432 -23.86 -8.94 5.25
C MET B 432 -24.36 -7.56 4.81
N HIS B 433 -24.32 -7.24 3.52
CA HIS B 433 -25.00 -6.07 2.99
C HIS B 433 -26.47 -6.41 2.72
N GLU B 434 -27.28 -5.37 2.45
CA GLU B 434 -28.66 -5.59 2.00
C GLU B 434 -28.69 -6.50 0.77
N GLU B 435 -29.76 -7.27 0.63
CA GLU B 435 -29.80 -8.31 -0.38
C GLU B 435 -29.59 -7.78 -1.79
N SER B 436 -30.01 -6.54 -2.07
CA SER B 436 -29.86 -6.02 -3.43
C SER B 436 -28.40 -5.79 -3.76
N VAL B 437 -27.64 -5.26 -2.80
CA VAL B 437 -26.21 -5.05 -3.01
C VAL B 437 -25.51 -6.38 -3.26
N PHE B 438 -25.84 -7.38 -2.43
CA PHE B 438 -25.29 -8.71 -2.63
C PHE B 438 -25.65 -9.25 -4.01
N ASP B 439 -26.89 -9.03 -4.46
CA ASP B 439 -27.34 -9.54 -5.77
C ASP B 439 -26.51 -8.94 -6.90
N THR B 440 -26.36 -7.61 -6.91
CA THR B 440 -25.59 -6.93 -7.94
C THR B 440 -24.14 -7.43 -7.98
N TRP B 441 -23.44 -7.35 -6.85
CA TRP B 441 -22.01 -7.57 -6.87
C TRP B 441 -21.63 -9.05 -6.87
N SER B 442 -22.44 -9.93 -6.27
CA SER B 442 -22.22 -11.37 -6.41
C SER B 442 -22.15 -11.76 -7.88
N LYS B 443 -23.08 -11.25 -8.70
CA LYS B 443 -23.11 -11.64 -10.11
C LYS B 443 -21.91 -11.07 -10.85
N ILE B 444 -21.61 -9.78 -10.64
CA ILE B 444 -20.44 -9.15 -11.22
C ILE B 444 -19.19 -9.96 -10.91
N ILE B 445 -18.95 -10.25 -9.63
CA ILE B 445 -17.73 -10.97 -9.26
C ILE B 445 -17.73 -12.38 -9.87
N ASP B 446 -18.85 -13.11 -9.76
CA ASP B 446 -18.91 -14.44 -10.36
C ASP B 446 -18.70 -14.39 -11.87
N ARG B 447 -19.30 -13.40 -12.54
CA ARG B 447 -19.11 -13.30 -13.99
C ARG B 447 -17.64 -13.06 -14.34
N ALA B 448 -17.02 -12.07 -13.68
CA ALA B 448 -15.64 -11.75 -13.97
C ALA B 448 -14.75 -12.96 -13.78
N TYR B 449 -14.97 -13.72 -12.71
CA TYR B 449 -14.12 -14.88 -12.45
C TYR B 449 -14.35 -15.97 -13.49
N ALA B 450 -15.61 -16.26 -13.81
CA ALA B 450 -15.90 -17.24 -14.86
C ALA B 450 -15.27 -16.83 -16.19
N ASN B 451 -15.42 -15.56 -16.58
CA ASN B 451 -14.93 -15.12 -17.88
C ASN B 451 -13.42 -15.31 -17.99
N ALA B 452 -12.70 -15.05 -16.91
CA ALA B 452 -11.24 -15.09 -16.92
C ALA B 452 -10.67 -16.50 -16.86
N THR B 453 -11.45 -17.47 -16.39
CA THR B 453 -10.91 -18.79 -16.04
C THR B 453 -11.69 -19.95 -16.63
N GLY B 454 -12.94 -19.74 -17.05
CA GLY B 454 -13.82 -20.85 -17.36
C GLY B 454 -14.41 -21.54 -16.16
N ASP B 455 -13.77 -21.45 -14.99
CA ASP B 455 -14.29 -21.98 -13.73
C ASP B 455 -15.50 -21.17 -13.26
N HIS B 456 -16.17 -21.67 -12.23
CA HIS B 456 -17.24 -20.95 -11.54
C HIS B 456 -16.93 -20.89 -10.06
N LEU B 457 -17.38 -19.84 -9.40
CA LEU B 457 -17.14 -19.74 -7.98
C LEU B 457 -18.06 -20.69 -7.25
N ASP B 458 -17.61 -21.22 -6.13
CA ASP B 458 -18.44 -22.09 -5.31
C ASP B 458 -19.01 -21.25 -4.17
N ILE B 459 -20.26 -20.79 -4.35
CA ILE B 459 -20.83 -19.81 -3.44
C ILE B 459 -22.24 -20.20 -3.01
N ASN B 460 -22.69 -19.57 -1.94
CA ASN B 460 -23.99 -19.78 -1.35
C ASN B 460 -25.00 -18.76 -1.89
N THR B 461 -26.20 -18.76 -1.32
CA THR B 461 -27.23 -17.78 -1.58
C THR B 461 -27.25 -16.74 -0.47
N TYR B 462 -28.01 -15.67 -0.69
CA TYR B 462 -28.12 -14.66 0.35
C TYR B 462 -28.66 -15.27 1.64
N ARG B 463 -29.76 -16.03 1.54
CA ARG B 463 -30.32 -16.65 2.73
C ARG B 463 -29.41 -17.75 3.26
N GLY B 464 -28.77 -18.50 2.36
CA GLY B 464 -27.73 -19.44 2.75
C GLY B 464 -26.68 -18.85 3.67
N TYR B 465 -26.02 -17.75 3.25
CA TYR B 465 -24.95 -17.17 4.05
C TYR B 465 -25.46 -16.70 5.41
N ALA B 466 -26.65 -16.08 5.44
CA ALA B 466 -27.25 -15.72 6.71
C ALA B 466 -27.54 -16.96 7.56
N GLN B 467 -28.03 -18.02 6.90
CA GLN B 467 -28.31 -19.29 7.58
C GLN B 467 -27.05 -19.86 8.23
N GLU B 468 -25.95 -19.93 7.47
CA GLU B 468 -24.71 -20.45 8.03
C GLU B 468 -24.25 -19.62 9.23
N ARG B 469 -24.37 -18.30 9.13
CA ARG B 469 -24.00 -17.44 10.25
C ARG B 469 -24.87 -17.73 11.47
N PHE B 470 -26.17 -17.89 11.24
CA PHE B 470 -27.12 -18.24 12.29
C PHE B 470 -26.72 -19.53 13.00
N LEU B 471 -26.46 -20.60 12.24
CA LEU B 471 -26.15 -21.89 12.85
C LEU B 471 -24.86 -21.87 13.65
N GLU B 472 -23.93 -21.00 13.34
CA GLU B 472 -22.63 -21.02 14.00
C GLU B 472 -22.54 -20.07 15.18
N TYR B 473 -23.36 -19.00 15.20
CA TYR B 473 -23.20 -17.94 16.19
C TYR B 473 -24.47 -17.61 16.96
N TYR B 474 -25.63 -18.10 16.51
CA TYR B 474 -26.89 -17.93 17.22
C TYR B 474 -27.47 -19.27 17.69
N MET B 475 -26.72 -20.38 17.61
CA MET B 475 -27.18 -21.70 18.02
C MET B 475 -26.05 -22.56 18.57
CD CD C . -4.99 -7.45 -16.75
CD CD D . -17.90 2.05 2.78
CD CD E . 32.11 -4.48 -10.69
MG MG F . 8.69 -1.58 -12.49
MG MG G . -6.95 -4.57 -7.27
CL CL H . -3.56 -6.78 -18.77
CL CL I . -7.27 -6.82 -18.05
CL CL J . -19.68 0.58 1.55
CL CL K . 30.39 -5.38 -8.22
CD CD L . 4.10 12.41 31.55
MG MG M . -6.52 1.49 13.74
MG MG N . -14.87 -25.55 -9.65
MG MG O . -12.72 2.18 11.51
MG MG P . -17.40 -17.27 10.37
MG MG Q . -10.06 1.67 -3.51
MG MG R . -14.01 6.43 11.22
CL CL S . -18.56 1.78 5.15
CL CL T . 4.64 13.06 28.95
CL CL U . 5.73 10.24 33.14
#